data_6U46
#
_entry.id   6U46
#
_entity_poly.entity_id   1
_entity_poly.type   'polypeptide(L)'
_entity_poly.pdbx_seq_one_letter_code
;FVNQHLCGSHLVEALYLVCGERGFFYTPRTEEGSRRSRGIVEQCCRSICSLYQLENYCG
;
_entity_poly.pdbx_strand_id   A
#
# COMPACT_ATOMS: atom_id res chain seq x y z
N PHE A 1 -5.66 8.29 7.66
CA PHE A 1 -7.11 8.25 7.32
C PHE A 1 -7.89 7.72 8.53
N VAL A 2 -9.09 7.22 8.32
CA VAL A 2 -9.88 6.69 9.45
C VAL A 2 -9.13 5.49 10.07
N ASN A 3 -9.65 4.30 9.98
CA ASN A 3 -8.95 3.12 10.56
C ASN A 3 -9.59 1.84 10.01
N GLN A 4 -9.03 1.28 8.98
CA GLN A 4 -9.63 0.02 8.42
C GLN A 4 -8.57 -0.67 7.55
N HIS A 5 -8.87 -1.86 7.08
CA HIS A 5 -7.90 -2.60 6.24
C HIS A 5 -7.91 -2.03 4.82
N LEU A 6 -6.74 -1.72 4.30
CA LEU A 6 -6.65 -1.16 2.91
C LEU A 6 -6.49 -2.32 1.92
N CYS A 7 -7.43 -2.52 1.04
CA CYS A 7 -7.31 -3.62 0.03
C CYS A 7 -7.56 -3.08 -1.38
N GLY A 8 -6.63 -3.30 -2.26
CA GLY A 8 -6.79 -2.83 -3.66
C GLY A 8 -6.88 -1.31 -3.73
N SER A 9 -7.79 -0.81 -4.52
CA SER A 9 -7.94 0.67 -4.67
C SER A 9 -7.84 1.36 -3.31
N HIS A 10 -8.34 0.74 -2.27
CA HIS A 10 -8.25 1.39 -0.94
C HIS A 10 -6.79 1.62 -0.59
N LEU A 11 -5.91 0.73 -0.99
CA LEU A 11 -4.48 0.92 -0.69
C LEU A 11 -3.94 2.04 -1.57
N VAL A 12 -4.21 1.97 -2.84
CA VAL A 12 -3.76 3.06 -3.75
C VAL A 12 -4.38 4.36 -3.29
N GLU A 13 -5.68 4.41 -3.30
CA GLU A 13 -6.38 5.66 -2.88
C GLU A 13 -5.75 6.20 -1.59
N ALA A 14 -5.21 5.34 -0.76
CA ALA A 14 -4.59 5.82 0.50
C ALA A 14 -3.14 6.25 0.23
N LEU A 15 -2.30 5.35 -0.22
CA LEU A 15 -0.89 5.72 -0.49
C LEU A 15 -0.84 7.02 -1.29
N TYR A 16 -1.76 7.19 -2.19
CA TYR A 16 -1.78 8.42 -3.02
C TYR A 16 -1.69 9.65 -2.09
N LEU A 17 -2.37 9.61 -0.98
CA LEU A 17 -2.31 10.77 -0.04
C LEU A 17 -1.01 10.69 0.75
N VAL A 18 -0.73 9.56 1.32
CA VAL A 18 0.52 9.39 2.11
C VAL A 18 1.71 9.89 1.28
N CYS A 19 1.86 9.37 0.09
CA CYS A 19 3.00 9.78 -0.78
C CYS A 19 2.72 11.12 -1.44
N GLY A 20 1.47 11.49 -1.55
CA GLY A 20 1.15 12.78 -2.21
C GLY A 20 1.79 12.81 -3.60
N GLU A 21 2.76 13.66 -3.80
CA GLU A 21 3.41 13.75 -5.14
C GLU A 21 4.54 12.72 -5.25
N ARG A 22 5.17 12.37 -4.17
CA ARG A 22 6.29 11.39 -4.25
C ARG A 22 5.79 10.11 -4.94
N GLY A 23 4.57 9.73 -4.70
CA GLY A 23 4.03 8.52 -5.37
C GLY A 23 4.63 7.25 -4.72
N PHE A 24 4.06 6.12 -5.03
CA PHE A 24 4.55 4.81 -4.47
C PHE A 24 4.52 3.79 -5.60
N PHE A 25 5.03 2.61 -5.39
CA PHE A 25 5.03 1.58 -6.47
C PHE A 25 4.03 0.46 -6.15
N TYR A 26 3.07 0.25 -7.03
CA TYR A 26 2.05 -0.84 -6.81
C TYR A 26 2.35 -1.97 -7.79
N THR A 27 2.11 -3.21 -7.41
CA THR A 27 2.36 -4.38 -8.32
C THR A 27 1.99 -3.99 -9.78
N PRO A 28 2.96 -3.68 -10.62
CA PRO A 28 2.66 -3.30 -12.01
C PRO A 28 2.11 -4.50 -12.80
N ARG A 29 2.44 -5.70 -12.40
CA ARG A 29 1.92 -6.90 -13.11
C ARG A 29 1.91 -8.09 -12.14
N THR A 30 2.62 -7.98 -11.05
CA THR A 30 2.65 -9.11 -10.06
C THR A 30 1.29 -9.20 -9.37
N GLU A 31 0.22 -8.95 -10.07
CA GLU A 31 -1.12 -9.03 -9.45
C GLU A 31 -1.26 -10.38 -8.73
N GLU A 32 -0.35 -11.27 -8.95
CA GLU A 32 -0.42 -12.61 -8.29
C GLU A 32 0.24 -12.52 -6.91
N GLY A 33 1.14 -11.60 -6.74
CA GLY A 33 1.84 -11.46 -5.44
C GLY A 33 3.04 -12.41 -5.37
N SER A 34 4.10 -11.99 -4.75
CA SER A 34 5.30 -12.85 -4.65
C SER A 34 6.16 -12.38 -3.47
N ARG A 35 7.45 -12.33 -3.64
CA ARG A 35 8.32 -11.87 -2.52
C ARG A 35 7.74 -10.57 -1.94
N ARG A 36 7.58 -9.57 -2.76
CA ARG A 36 7.02 -8.28 -2.26
C ARG A 36 5.49 -8.36 -2.27
N SER A 37 4.83 -7.28 -2.59
CA SER A 37 3.34 -7.27 -2.64
C SER A 37 2.74 -7.69 -1.29
N ARG A 38 2.88 -8.94 -0.90
CA ARG A 38 2.31 -9.36 0.40
C ARG A 38 2.92 -8.50 1.50
N GLY A 39 3.95 -7.78 1.19
CA GLY A 39 4.58 -6.91 2.23
C GLY A 39 3.79 -5.60 2.30
N ILE A 40 3.29 -5.14 1.18
CA ILE A 40 2.51 -3.87 1.15
C ILE A 40 1.00 -4.17 1.11
N VAL A 41 0.55 -5.03 0.22
CA VAL A 41 -0.92 -5.31 0.13
C VAL A 41 -1.40 -6.11 1.35
N GLU A 42 -0.95 -7.32 1.53
CA GLU A 42 -1.43 -8.12 2.70
C GLU A 42 -1.12 -7.40 4.01
N GLN A 43 0.06 -6.90 4.19
CA GLN A 43 0.38 -6.19 5.46
C GLN A 43 -0.71 -5.17 5.78
N CYS A 44 -1.06 -4.35 4.83
CA CYS A 44 -2.13 -3.33 5.06
C CYS A 44 -3.51 -3.97 4.89
N CYS A 45 -3.75 -4.61 3.78
CA CYS A 45 -5.07 -5.27 3.54
C CYS A 45 -5.32 -6.33 4.62
N ARG A 46 -4.38 -7.21 4.83
CA ARG A 46 -4.58 -8.27 5.85
C ARG A 46 -4.59 -7.65 7.27
N SER A 47 -3.80 -6.64 7.51
CA SER A 47 -3.78 -5.99 8.87
C SER A 47 -3.76 -4.48 8.71
N ILE A 48 -4.35 -3.76 9.64
CA ILE A 48 -4.36 -2.28 9.53
C ILE A 48 -2.94 -1.74 9.73
N CYS A 49 -2.26 -1.43 8.65
CA CYS A 49 -0.88 -0.89 8.76
C CYS A 49 -0.94 0.61 9.01
N SER A 50 -0.10 1.13 9.87
CA SER A 50 -0.12 2.59 10.16
C SER A 50 0.42 3.36 8.95
N LEU A 51 0.13 4.63 8.87
CA LEU A 51 0.64 5.44 7.73
C LEU A 51 2.16 5.30 7.64
N TYR A 52 2.80 5.15 8.76
CA TYR A 52 4.29 5.00 8.76
C TYR A 52 4.69 3.96 7.71
N GLN A 53 4.03 2.84 7.69
CA GLN A 53 4.36 1.78 6.70
C GLN A 53 3.96 2.25 5.30
N LEU A 54 2.76 2.72 5.14
CA LEU A 54 2.32 3.21 3.80
C LEU A 54 3.29 4.28 3.34
N GLU A 55 3.81 5.03 4.27
CA GLU A 55 4.77 6.09 3.92
C GLU A 55 6.13 5.47 3.59
N ASN A 56 6.26 4.19 3.82
CA ASN A 56 7.55 3.51 3.55
C ASN A 56 7.71 3.19 2.06
N TYR A 57 6.61 3.12 1.33
CA TYR A 57 6.69 2.79 -0.12
C TYR A 57 6.59 4.06 -0.96
N CYS A 58 6.32 5.18 -0.34
CA CYS A 58 6.20 6.44 -1.11
C CYS A 58 7.53 6.75 -1.79
N GLY A 59 7.63 6.42 -3.06
CA GLY A 59 8.89 6.69 -3.79
C GLY A 59 8.84 6.00 -5.16
N PHE A 1 -7.04 8.93 5.90
CA PHE A 1 -8.20 8.00 5.98
C PHE A 1 -8.21 7.30 7.35
N VAL A 2 -8.35 8.05 8.41
CA VAL A 2 -8.36 7.48 9.80
C VAL A 2 -7.48 6.22 9.88
N ASN A 3 -8.07 5.10 10.20
CA ASN A 3 -7.28 3.84 10.30
C ASN A 3 -8.19 2.65 10.01
N GLN A 4 -7.94 1.95 8.93
CA GLN A 4 -8.80 0.78 8.58
C GLN A 4 -8.02 -0.16 7.66
N HIS A 5 -8.57 -1.32 7.39
CA HIS A 5 -7.88 -2.29 6.52
C HIS A 5 -7.93 -1.81 5.06
N LEU A 6 -6.80 -1.77 4.40
CA LEU A 6 -6.75 -1.30 2.99
C LEU A 6 -6.57 -2.52 2.06
N CYS A 7 -7.53 -2.79 1.21
CA CYS A 7 -7.40 -3.94 0.28
C CYS A 7 -7.67 -3.51 -1.16
N GLY A 8 -6.74 -3.77 -2.04
CA GLY A 8 -6.91 -3.39 -3.47
C GLY A 8 -7.03 -1.88 -3.62
N SER A 9 -7.94 -1.44 -4.46
CA SER A 9 -8.12 0.03 -4.70
C SER A 9 -8.06 0.79 -3.38
N HIS A 10 -8.53 0.22 -2.31
CA HIS A 10 -8.47 0.93 -1.01
C HIS A 10 -7.02 1.26 -0.69
N LEU A 11 -6.11 0.37 -1.03
CA LEU A 11 -4.68 0.63 -0.75
C LEU A 11 -4.18 1.74 -1.67
N VAL A 12 -4.39 1.58 -2.95
CA VAL A 12 -3.96 2.65 -3.89
C VAL A 12 -4.65 3.95 -3.49
N GLU A 13 -5.95 3.95 -3.50
CA GLU A 13 -6.70 5.18 -3.12
C GLU A 13 -6.08 5.81 -1.88
N ALA A 14 -5.49 5.02 -1.01
CA ALA A 14 -4.88 5.60 0.21
C ALA A 14 -3.44 6.06 -0.10
N LEU A 15 -2.59 5.15 -0.50
CA LEU A 15 -1.18 5.54 -0.81
C LEU A 15 -1.18 6.80 -1.68
N TYR A 16 -2.13 6.92 -2.57
CA TYR A 16 -2.18 8.11 -3.45
C TYR A 16 -2.12 9.38 -2.58
N LEU A 17 -2.82 9.39 -1.48
CA LEU A 17 -2.80 10.59 -0.59
C LEU A 17 -1.49 10.59 0.20
N VAL A 18 -1.20 9.49 0.84
CA VAL A 18 0.05 9.40 1.63
C VAL A 18 1.25 9.88 0.77
N CYS A 19 1.40 9.30 -0.38
CA CYS A 19 2.54 9.69 -1.27
C CYS A 19 2.21 10.99 -2.00
N GLY A 20 0.96 11.32 -2.12
CA GLY A 20 0.60 12.58 -2.84
C GLY A 20 1.20 12.52 -4.24
N GLU A 21 2.07 13.44 -4.57
CA GLU A 21 2.68 13.44 -5.93
C GLU A 21 3.89 12.49 -5.97
N ARG A 22 4.48 12.23 -4.84
CA ARG A 22 5.66 11.31 -4.82
C ARG A 22 5.28 9.99 -5.48
N GLY A 23 4.07 9.54 -5.26
CA GLY A 23 3.63 8.26 -5.89
C GLY A 23 4.26 7.06 -5.19
N PHE A 24 3.71 5.89 -5.43
CA PHE A 24 4.23 4.63 -4.82
C PHE A 24 4.21 3.55 -5.90
N PHE A 25 4.75 2.39 -5.62
CA PHE A 25 4.76 1.30 -6.65
C PHE A 25 3.80 0.18 -6.20
N TYR A 26 2.85 -0.18 -7.02
CA TYR A 26 1.90 -1.28 -6.62
C TYR A 26 2.29 -2.58 -7.33
N THR A 27 2.88 -3.50 -6.61
CA THR A 27 3.31 -4.85 -7.15
C THR A 27 3.84 -4.77 -8.61
N PRO A 28 4.86 -5.56 -8.94
CA PRO A 28 5.39 -5.55 -10.31
C PRO A 28 4.32 -6.10 -11.25
N ARG A 29 3.85 -5.30 -12.16
CA ARG A 29 2.83 -5.78 -13.12
C ARG A 29 1.67 -6.48 -12.39
N THR A 30 1.86 -7.71 -11.99
CA THR A 30 0.78 -8.45 -11.26
C THR A 30 1.41 -9.30 -10.16
N GLU A 31 0.78 -10.40 -9.82
CA GLU A 31 1.35 -11.28 -8.75
C GLU A 31 2.77 -11.70 -9.14
N GLU A 32 3.22 -11.28 -10.29
CA GLU A 32 4.60 -11.64 -10.75
C GLU A 32 5.59 -11.50 -9.59
N GLY A 33 5.35 -10.57 -8.71
CA GLY A 33 6.27 -10.37 -7.56
C GLY A 33 6.13 -11.54 -6.60
N SER A 34 6.78 -11.46 -5.46
CA SER A 34 6.68 -12.57 -4.46
C SER A 34 6.95 -12.03 -3.06
N ARG A 35 8.19 -12.07 -2.64
CA ARG A 35 8.54 -11.56 -1.29
C ARG A 35 7.82 -10.23 -1.02
N ARG A 36 8.02 -9.26 -1.86
CA ARG A 36 7.35 -7.95 -1.63
C ARG A 36 5.84 -8.14 -1.75
N SER A 37 5.14 -7.14 -2.20
CA SER A 37 3.65 -7.24 -2.35
C SER A 37 2.99 -7.64 -1.02
N ARG A 38 3.17 -8.85 -0.58
CA ARG A 38 2.55 -9.27 0.70
C ARG A 38 3.04 -8.35 1.81
N GLY A 39 4.08 -7.61 1.56
CA GLY A 39 4.60 -6.69 2.59
C GLY A 39 3.76 -5.41 2.58
N ILE A 40 3.25 -5.05 1.42
CA ILE A 40 2.42 -3.80 1.32
C ILE A 40 0.92 -4.16 1.28
N VAL A 41 0.49 -5.06 0.41
CA VAL A 41 -0.97 -5.39 0.34
C VAL A 41 -1.43 -6.16 1.58
N GLU A 42 -0.93 -7.34 1.80
CA GLU A 42 -1.39 -8.12 2.98
C GLU A 42 -1.15 -7.33 4.27
N GLN A 43 0.04 -6.89 4.52
CA GLN A 43 0.32 -6.15 5.77
C GLN A 43 -0.79 -5.11 6.03
N CYS A 44 -1.11 -4.30 5.05
CA CYS A 44 -2.18 -3.29 5.25
C CYS A 44 -3.56 -3.94 5.12
N CYS A 45 -3.79 -4.66 4.06
CA CYS A 45 -5.11 -5.33 3.87
C CYS A 45 -5.40 -6.31 5.00
N ARG A 46 -4.50 -7.21 5.27
CA ARG A 46 -4.75 -8.19 6.37
C ARG A 46 -4.67 -7.50 7.72
N SER A 47 -3.74 -6.58 7.89
CA SER A 47 -3.61 -5.87 9.20
C SER A 47 -3.70 -4.36 9.00
N ILE A 48 -4.28 -3.66 9.93
CA ILE A 48 -4.39 -2.18 9.79
C ILE A 48 -3.00 -1.56 9.91
N CYS A 49 -2.37 -1.25 8.82
CA CYS A 49 -1.00 -0.64 8.87
C CYS A 49 -1.13 0.87 9.02
N SER A 50 -0.26 1.47 9.80
CA SER A 50 -0.31 2.93 10.00
C SER A 50 0.15 3.65 8.72
N LEU A 51 -0.21 4.89 8.57
CA LEU A 51 0.22 5.64 7.36
C LEU A 51 1.74 5.56 7.25
N TYR A 52 2.42 5.51 8.35
CA TYR A 52 3.91 5.42 8.32
C TYR A 52 4.33 4.36 7.31
N GLN A 53 3.84 3.16 7.45
CA GLN A 53 4.22 2.09 6.49
C GLN A 53 3.80 2.50 5.08
N LEU A 54 2.57 2.91 4.92
CA LEU A 54 2.11 3.33 3.57
C LEU A 54 3.05 4.42 3.05
N GLU A 55 3.53 5.23 3.94
CA GLU A 55 4.46 6.32 3.55
C GLU A 55 5.83 5.71 3.22
N ASN A 56 6.00 4.45 3.52
CA ASN A 56 7.31 3.79 3.26
C ASN A 56 7.46 3.40 1.78
N TYR A 57 6.38 3.28 1.06
CA TYR A 57 6.46 2.87 -0.38
C TYR A 57 6.32 4.10 -1.28
N CYS A 58 6.04 5.24 -0.72
CA CYS A 58 5.89 6.46 -1.55
C CYS A 58 7.20 6.75 -2.27
N GLY A 59 7.29 6.36 -3.51
CA GLY A 59 8.53 6.61 -4.29
C GLY A 59 9.65 5.72 -3.76
N PHE A 1 -6.03 8.86 7.04
CA PHE A 1 -7.37 8.19 6.99
C PHE A 1 -7.57 7.39 8.29
N VAL A 2 -8.81 7.10 8.62
CA VAL A 2 -9.09 6.34 9.88
C VAL A 2 -8.39 4.99 9.83
N ASN A 3 -8.71 4.14 10.77
CA ASN A 3 -8.08 2.79 10.82
C ASN A 3 -8.94 1.80 10.04
N GLN A 4 -8.42 1.23 8.99
CA GLN A 4 -9.23 0.26 8.19
C GLN A 4 -8.29 -0.57 7.32
N HIS A 5 -8.79 -1.64 6.75
CA HIS A 5 -7.92 -2.51 5.89
C HIS A 5 -7.90 -1.92 4.47
N LEU A 6 -6.75 -1.54 4.00
CA LEU A 6 -6.63 -0.96 2.63
C LEU A 6 -6.46 -2.10 1.62
N CYS A 7 -7.39 -2.27 0.72
CA CYS A 7 -7.26 -3.35 -0.31
C CYS A 7 -7.50 -2.79 -1.71
N GLY A 8 -6.56 -3.00 -2.58
CA GLY A 8 -6.68 -2.50 -3.98
C GLY A 8 -6.81 -0.98 -4.02
N SER A 9 -7.70 -0.47 -4.82
CA SER A 9 -7.89 1.00 -4.94
C SER A 9 -7.82 1.67 -3.56
N HIS A 10 -8.29 1.02 -2.54
CA HIS A 10 -8.24 1.65 -1.19
C HIS A 10 -6.77 1.89 -0.82
N LEU A 11 -5.89 1.01 -1.22
CA LEU A 11 -4.46 1.19 -0.90
C LEU A 11 -3.91 2.33 -1.74
N VAL A 12 -4.18 2.31 -3.00
CA VAL A 12 -3.72 3.41 -3.88
C VAL A 12 -4.33 4.72 -3.38
N GLU A 13 -5.62 4.80 -3.38
CA GLU A 13 -6.30 6.03 -2.91
C GLU A 13 -5.64 6.52 -1.62
N ALA A 14 -5.10 5.64 -0.83
CA ALA A 14 -4.45 6.07 0.44
C ALA A 14 -3.00 6.48 0.17
N LEU A 15 -2.19 5.57 -0.30
CA LEU A 15 -0.76 5.93 -0.58
C LEU A 15 -0.70 7.25 -1.35
N TYR A 16 -1.63 7.46 -2.23
CA TYR A 16 -1.62 8.72 -3.02
C TYR A 16 -1.50 9.92 -2.05
N LEU A 17 -2.19 9.87 -0.94
CA LEU A 17 -2.10 10.99 0.04
C LEU A 17 -0.80 10.86 0.82
N VAL A 18 -0.55 9.71 1.35
CA VAL A 18 0.70 9.49 2.13
C VAL A 18 1.90 9.98 1.31
N CYS A 19 2.03 9.49 0.10
CA CYS A 19 3.16 9.90 -0.77
C CYS A 19 2.87 11.25 -1.41
N GLY A 20 1.64 11.65 -1.47
CA GLY A 20 1.32 12.95 -2.10
C GLY A 20 1.94 13.00 -3.50
N GLU A 21 2.85 13.90 -3.72
CA GLU A 21 3.50 13.99 -5.07
C GLU A 21 4.66 12.99 -5.13
N ARG A 22 5.19 12.60 -4.01
CA ARG A 22 6.33 11.63 -4.02
C ARG A 22 5.93 10.39 -4.82
N GLY A 23 4.69 9.97 -4.69
CA GLY A 23 4.24 8.77 -5.45
C GLY A 23 4.80 7.49 -4.83
N PHE A 24 4.21 6.37 -5.15
CA PHE A 24 4.68 5.05 -4.62
C PHE A 24 4.64 4.04 -5.76
N PHE A 25 5.16 2.85 -5.55
CA PHE A 25 5.15 1.82 -6.62
C PHE A 25 4.17 0.70 -6.22
N TYR A 26 3.19 0.43 -7.03
CA TYR A 26 2.22 -0.66 -6.68
C TYR A 26 2.77 -1.99 -7.20
N THR A 27 2.34 -3.07 -6.62
CA THR A 27 2.83 -4.39 -7.07
C THR A 27 2.69 -4.49 -8.60
N PRO A 28 3.62 -5.13 -9.28
CA PRO A 28 3.53 -5.26 -10.74
C PRO A 28 2.33 -6.14 -11.07
N ARG A 29 1.27 -5.54 -11.54
CA ARG A 29 0.08 -6.33 -11.93
C ARG A 29 -0.28 -7.34 -10.83
N THR A 30 0.40 -8.46 -10.77
CA THR A 30 0.12 -9.48 -9.71
C THR A 30 1.43 -10.13 -9.28
N GLU A 31 2.01 -10.95 -10.13
CA GLU A 31 3.30 -11.62 -9.77
C GLU A 31 3.23 -12.15 -8.34
N GLU A 32 2.10 -12.63 -7.92
CA GLU A 32 1.97 -13.17 -6.53
C GLU A 32 3.06 -14.21 -6.29
N GLY A 33 3.53 -14.83 -7.34
CA GLY A 33 4.60 -15.86 -7.18
C GLY A 33 5.73 -15.32 -6.32
N SER A 34 6.13 -14.10 -6.57
CA SER A 34 7.24 -13.50 -5.78
C SER A 34 6.67 -12.85 -4.51
N ARG A 35 7.42 -11.97 -3.89
CA ARG A 35 6.94 -11.30 -2.64
C ARG A 35 6.41 -9.91 -3.00
N ARG A 36 7.09 -8.88 -2.56
CA ARG A 36 6.65 -7.50 -2.87
C ARG A 36 5.18 -7.30 -2.52
N SER A 37 4.30 -7.66 -3.41
CA SER A 37 2.84 -7.47 -3.19
C SER A 37 2.45 -7.83 -1.75
N ARG A 38 2.72 -9.04 -1.32
CA ARG A 38 2.32 -9.43 0.06
C ARG A 38 3.00 -8.50 1.07
N GLY A 39 3.96 -7.75 0.64
CA GLY A 39 4.65 -6.82 1.58
C GLY A 39 3.84 -5.53 1.73
N ILE A 40 3.29 -5.04 0.66
CA ILE A 40 2.49 -3.76 0.72
C ILE A 40 0.98 -4.07 0.75
N VAL A 41 0.49 -4.87 -0.17
CA VAL A 41 -0.98 -5.16 -0.21
C VAL A 41 -1.43 -5.95 1.03
N GLU A 42 -0.96 -7.15 1.20
CA GLU A 42 -1.41 -7.97 2.37
C GLU A 42 -1.16 -7.23 3.69
N GLN A 43 0.05 -6.80 3.94
CA GLN A 43 0.33 -6.10 5.23
C GLN A 43 -0.76 -5.06 5.52
N CYS A 44 -1.10 -4.24 4.56
CA CYS A 44 -2.15 -3.20 4.79
C CYS A 44 -3.54 -3.82 4.61
N CYS A 45 -3.78 -4.45 3.50
CA CYS A 45 -5.11 -5.08 3.27
C CYS A 45 -5.38 -6.15 4.33
N ARG A 46 -4.47 -7.06 4.52
CA ARG A 46 -4.68 -8.13 5.53
C ARG A 46 -4.69 -7.52 6.95
N SER A 47 -3.88 -6.53 7.20
CA SER A 47 -3.86 -5.90 8.56
C SER A 47 -3.81 -4.38 8.43
N ILE A 48 -4.38 -3.67 9.35
CA ILE A 48 -4.36 -2.18 9.25
C ILE A 48 -2.94 -1.68 9.46
N CYS A 49 -2.24 -1.37 8.39
CA CYS A 49 -0.85 -0.88 8.52
C CYS A 49 -0.88 0.64 8.79
N SER A 50 -0.02 1.11 9.65
CA SER A 50 -0.01 2.56 9.97
C SER A 50 0.51 3.34 8.76
N LEU A 51 0.24 4.61 8.72
CA LEU A 51 0.73 5.43 7.57
C LEU A 51 2.24 5.28 7.45
N TYR A 52 2.92 5.08 8.54
CA TYR A 52 4.39 4.93 8.50
C TYR A 52 4.76 3.90 7.43
N GLN A 53 4.16 2.74 7.48
CA GLN A 53 4.46 1.69 6.46
C GLN A 53 4.06 2.21 5.08
N LEU A 54 2.86 2.70 4.94
CA LEU A 54 2.43 3.23 3.62
C LEU A 54 3.41 4.30 3.19
N GLU A 55 3.94 5.02 4.13
CA GLU A 55 4.92 6.08 3.83
C GLU A 55 6.25 5.43 3.46
N ASN A 56 6.37 4.15 3.64
CA ASN A 56 7.65 3.45 3.35
C ASN A 56 7.79 3.18 1.84
N TYR A 57 6.69 3.15 1.12
CA TYR A 57 6.77 2.87 -0.34
C TYR A 57 6.70 4.17 -1.14
N CYS A 58 6.45 5.27 -0.50
CA CYS A 58 6.37 6.56 -1.24
C CYS A 58 7.70 6.84 -1.92
N GLY A 59 7.78 6.55 -3.19
CA GLY A 59 9.06 6.79 -3.92
C GLY A 59 8.88 6.43 -5.40
N PHE A 1 -8.54 8.12 6.80
CA PHE A 1 -7.65 7.04 7.34
C PHE A 1 -8.22 6.56 8.69
N VAL A 2 -9.18 5.68 8.66
CA VAL A 2 -9.75 5.18 9.94
C VAL A 2 -8.85 4.06 10.45
N ASN A 3 -9.44 2.94 10.83
CA ASN A 3 -8.64 1.78 11.33
C ASN A 3 -9.14 0.53 10.61
N GLN A 4 -9.13 0.56 9.31
CA GLN A 4 -9.61 -0.61 8.50
C GLN A 4 -8.46 -1.15 7.65
N HIS A 5 -8.67 -2.26 7.00
CA HIS A 5 -7.59 -2.84 6.16
C HIS A 5 -7.66 -2.24 4.75
N LEU A 6 -6.52 -1.96 4.18
CA LEU A 6 -6.48 -1.37 2.80
C LEU A 6 -6.29 -2.50 1.78
N CYS A 7 -7.25 -2.71 0.90
CA CYS A 7 -7.10 -3.79 -0.12
C CYS A 7 -7.43 -3.26 -1.52
N GLY A 8 -6.51 -3.43 -2.43
CA GLY A 8 -6.72 -2.97 -3.83
C GLY A 8 -6.92 -1.45 -3.89
N SER A 9 -7.87 -1.01 -4.66
CA SER A 9 -8.13 0.45 -4.80
C SER A 9 -8.08 1.14 -3.43
N HIS A 10 -8.40 0.44 -2.38
CA HIS A 10 -8.36 1.08 -1.05
C HIS A 10 -6.91 1.42 -0.70
N LEU A 11 -5.99 0.62 -1.15
CA LEU A 11 -4.55 0.89 -0.86
C LEU A 11 -4.11 2.09 -1.69
N VAL A 12 -4.35 2.06 -2.96
CA VAL A 12 -3.98 3.22 -3.80
C VAL A 12 -4.67 4.46 -3.27
N GLU A 13 -5.97 4.44 -3.25
CA GLU A 13 -6.74 5.61 -2.76
C GLU A 13 -6.10 6.16 -1.48
N ALA A 14 -5.47 5.30 -0.71
CA ALA A 14 -4.83 5.80 0.55
C ALA A 14 -3.42 6.31 0.25
N LEU A 15 -2.56 5.47 -0.26
CA LEU A 15 -1.17 5.91 -0.58
C LEU A 15 -1.22 7.25 -1.32
N TYR A 16 -2.18 7.42 -2.18
CA TYR A 16 -2.30 8.68 -2.95
C TYR A 16 -2.23 9.86 -1.97
N LEU A 17 -2.89 9.75 -0.85
CA LEU A 17 -2.86 10.87 0.14
C LEU A 17 -1.53 10.82 0.89
N VAL A 18 -1.16 9.67 1.38
CA VAL A 18 0.12 9.54 2.12
C VAL A 18 1.25 10.14 1.28
N CYS A 19 1.39 9.69 0.06
CA CYS A 19 2.46 10.20 -0.83
C CYS A 19 2.05 11.54 -1.44
N GLY A 20 0.78 11.82 -1.48
CA GLY A 20 0.34 13.12 -2.07
C GLY A 20 0.90 13.22 -3.49
N GLU A 21 1.75 14.17 -3.74
CA GLU A 21 2.34 14.32 -5.11
C GLU A 21 3.55 13.40 -5.27
N ARG A 22 4.18 13.04 -4.19
CA ARG A 22 5.37 12.16 -4.29
C ARG A 22 5.00 10.90 -5.06
N GLY A 23 3.82 10.39 -4.86
CA GLY A 23 3.39 9.17 -5.59
C GLY A 23 4.07 7.93 -5.01
N PHE A 24 3.57 6.76 -5.33
CA PHE A 24 4.15 5.48 -4.82
C PHE A 24 4.17 4.47 -5.97
N PHE A 25 4.78 3.33 -5.78
CA PHE A 25 4.82 2.31 -6.85
C PHE A 25 3.96 1.10 -6.44
N TYR A 26 2.99 0.75 -7.23
CA TYR A 26 2.12 -0.41 -6.88
C TYR A 26 2.73 -1.68 -7.49
N THR A 27 2.25 -2.84 -7.12
CA THR A 27 2.82 -4.09 -7.68
C THR A 27 2.42 -4.18 -9.17
N PRO A 28 3.30 -4.72 -10.02
CA PRO A 28 2.98 -4.86 -11.45
C PRO A 28 1.71 -5.69 -11.62
N ARG A 29 1.85 -6.99 -11.60
CA ARG A 29 0.65 -7.86 -11.78
C ARG A 29 1.01 -9.29 -11.35
N THR A 30 2.15 -9.46 -10.74
CA THR A 30 2.56 -10.82 -10.30
C THR A 30 1.54 -11.37 -9.31
N GLU A 31 0.44 -11.89 -9.80
CA GLU A 31 -0.59 -12.44 -8.88
C GLU A 31 0.03 -13.56 -8.04
N GLU A 32 1.22 -13.98 -8.39
CA GLU A 32 1.88 -15.07 -7.62
C GLU A 32 2.44 -14.51 -6.32
N GLY A 33 2.76 -13.24 -6.31
CA GLY A 33 3.32 -12.60 -5.07
C GLY A 33 4.83 -12.79 -5.04
N SER A 34 5.52 -12.00 -4.27
CA SER A 34 7.00 -12.10 -4.19
C SER A 34 7.47 -11.56 -2.83
N ARG A 35 7.90 -10.32 -2.80
CA ARG A 35 8.37 -9.70 -1.52
C ARG A 35 7.75 -8.31 -1.37
N ARG A 36 7.93 -7.47 -2.34
CA ARG A 36 7.34 -6.10 -2.25
C ARG A 36 5.82 -6.19 -2.14
N SER A 37 5.20 -6.72 -3.14
CA SER A 37 3.71 -6.85 -3.13
C SER A 37 3.23 -7.32 -1.76
N ARG A 38 3.55 -8.52 -1.37
CA ARG A 38 3.11 -9.00 -0.03
C ARG A 38 3.66 -8.06 1.04
N GLY A 39 4.61 -7.26 0.68
CA GLY A 39 5.19 -6.30 1.67
C GLY A 39 4.29 -5.06 1.75
N ILE A 40 3.69 -4.69 0.66
CA ILE A 40 2.79 -3.48 0.66
C ILE A 40 1.31 -3.92 0.68
N VAL A 41 0.89 -4.79 -0.20
CA VAL A 41 -0.55 -5.21 -0.23
C VAL A 41 -0.93 -6.02 1.01
N GLU A 42 -0.35 -7.18 1.18
CA GLU A 42 -0.73 -8.02 2.36
C GLU A 42 -0.52 -7.27 3.69
N GLN A 43 0.66 -6.77 3.93
CA GLN A 43 0.90 -6.05 5.22
C GLN A 43 -0.27 -5.08 5.51
N CYS A 44 -0.69 -4.31 4.53
CA CYS A 44 -1.81 -3.35 4.77
C CYS A 44 -3.16 -4.06 4.59
N CYS A 45 -3.36 -4.72 3.49
CA CYS A 45 -4.66 -5.44 3.27
C CYS A 45 -4.84 -6.56 4.30
N ARG A 46 -3.82 -7.32 4.57
CA ARG A 46 -3.94 -8.42 5.56
C ARG A 46 -4.03 -7.82 6.98
N SER A 47 -3.32 -6.76 7.24
CA SER A 47 -3.35 -6.14 8.60
C SER A 47 -3.40 -4.61 8.49
N ILE A 48 -3.96 -3.94 9.46
CA ILE A 48 -4.03 -2.46 9.40
C ILE A 48 -2.61 -1.89 9.55
N CYS A 49 -1.98 -1.54 8.45
CA CYS A 49 -0.60 -0.98 8.54
C CYS A 49 -0.67 0.51 8.85
N SER A 50 0.30 1.03 9.56
CA SER A 50 0.28 2.47 9.90
C SER A 50 0.74 3.31 8.70
N LEU A 51 0.46 4.58 8.72
CA LEU A 51 0.87 5.46 7.59
C LEU A 51 2.38 5.37 7.40
N TYR A 52 3.11 5.20 8.47
CA TYR A 52 4.60 5.11 8.34
C TYR A 52 4.95 4.12 7.23
N GLN A 53 4.31 2.99 7.22
CA GLN A 53 4.60 1.97 6.16
C GLN A 53 4.09 2.49 4.81
N LEU A 54 2.85 2.89 4.74
CA LEU A 54 2.33 3.41 3.45
C LEU A 54 3.21 4.57 2.99
N GLU A 55 3.73 5.28 3.93
CA GLU A 55 4.63 6.43 3.61
C GLU A 55 6.00 5.90 3.18
N ASN A 56 6.22 4.63 3.36
CA ASN A 56 7.54 4.03 3.01
C ASN A 56 7.64 3.78 1.51
N TYR A 57 6.54 3.68 0.83
CA TYR A 57 6.57 3.41 -0.65
C TYR A 57 6.37 4.71 -1.44
N CYS A 58 6.08 5.79 -0.76
CA CYS A 58 5.88 7.08 -1.48
C CYS A 58 7.16 7.45 -2.22
N GLY A 59 7.19 7.22 -3.50
CA GLY A 59 8.41 7.56 -4.29
C GLY A 59 8.38 6.80 -5.62
N PHE A 1 -6.41 8.90 7.06
CA PHE A 1 -7.79 8.38 6.89
C PHE A 1 -8.16 7.52 8.10
N VAL A 2 -9.37 7.01 8.12
CA VAL A 2 -9.79 6.17 9.29
C VAL A 2 -8.80 5.02 9.48
N ASN A 3 -9.17 4.07 10.31
CA ASN A 3 -8.26 2.90 10.57
C ASN A 3 -8.95 1.61 10.12
N GLN A 4 -8.66 1.16 8.93
CA GLN A 4 -9.30 -0.10 8.42
C GLN A 4 -8.32 -0.83 7.49
N HIS A 5 -8.69 -1.97 7.01
CA HIS A 5 -7.78 -2.74 6.11
C HIS A 5 -7.83 -2.16 4.69
N LEU A 6 -6.70 -1.80 4.15
CA LEU A 6 -6.64 -1.24 2.77
C LEU A 6 -6.43 -2.38 1.77
N CYS A 7 -7.36 -2.62 0.89
CA CYS A 7 -7.19 -3.72 -0.12
C CYS A 7 -7.46 -3.20 -1.53
N GLY A 8 -6.51 -3.39 -2.41
CA GLY A 8 -6.67 -2.95 -3.82
C GLY A 8 -6.82 -1.43 -3.90
N SER A 9 -7.72 -0.97 -4.72
CA SER A 9 -7.93 0.50 -4.88
C SER A 9 -7.90 1.20 -3.52
N HIS A 10 -8.34 0.55 -2.48
CA HIS A 10 -8.32 1.21 -1.15
C HIS A 10 -6.88 1.52 -0.77
N LEU A 11 -5.96 0.69 -1.17
CA LEU A 11 -4.53 0.95 -0.84
C LEU A 11 -4.05 2.12 -1.68
N VAL A 12 -4.23 2.05 -2.97
CA VAL A 12 -3.81 3.18 -3.83
C VAL A 12 -4.52 4.44 -3.37
N GLU A 13 -5.83 4.42 -3.41
CA GLU A 13 -6.61 5.60 -2.98
C GLU A 13 -6.04 6.17 -1.69
N ALA A 14 -5.44 5.35 -0.87
CA ALA A 14 -4.87 5.85 0.41
C ALA A 14 -3.44 6.36 0.15
N LEU A 15 -2.55 5.50 -0.28
CA LEU A 15 -1.15 5.94 -0.53
C LEU A 15 -1.15 7.25 -1.32
N TYR A 16 -2.08 7.39 -2.23
CA TYR A 16 -2.14 8.63 -3.04
C TYR A 16 -2.12 9.84 -2.10
N LEU A 17 -2.83 9.77 -1.00
CA LEU A 17 -2.84 10.90 -0.03
C LEU A 17 -1.55 10.88 0.78
N VAL A 18 -1.24 9.75 1.33
CA VAL A 18 0.01 9.64 2.15
C VAL A 18 1.19 10.19 1.35
N CYS A 19 1.39 9.69 0.17
CA CYS A 19 2.52 10.15 -0.68
C CYS A 19 2.20 11.50 -1.33
N GLY A 20 0.94 11.83 -1.45
CA GLY A 20 0.59 13.12 -2.08
C GLY A 20 1.23 13.19 -3.47
N GLU A 21 2.14 14.10 -3.67
CA GLU A 21 2.81 14.20 -5.00
C GLU A 21 3.99 13.25 -5.06
N ARG A 22 4.55 12.88 -3.94
CA ARG A 22 5.72 11.95 -3.96
C ARG A 22 5.35 10.70 -4.74
N GLY A 23 4.14 10.23 -4.60
CA GLY A 23 3.71 9.02 -5.35
C GLY A 23 4.35 7.77 -4.71
N PHE A 24 3.83 6.61 -5.03
CA PHE A 24 4.37 5.34 -4.47
C PHE A 24 4.42 4.31 -5.60
N PHE A 25 5.01 3.17 -5.38
CA PHE A 25 5.08 2.13 -6.45
C PHE A 25 4.14 0.97 -6.11
N TYR A 26 3.21 0.66 -6.98
CA TYR A 26 2.26 -0.47 -6.71
C TYR A 26 2.71 -1.69 -7.52
N THR A 27 2.14 -2.83 -7.26
CA THR A 27 2.53 -4.04 -8.04
C THR A 27 1.90 -3.97 -9.44
N PRO A 28 2.57 -4.47 -10.46
CA PRO A 28 2.02 -4.43 -11.83
C PRO A 28 0.78 -5.35 -11.90
N ARG A 29 0.94 -6.62 -11.65
CA ARG A 29 -0.24 -7.54 -11.66
C ARG A 29 0.06 -8.77 -10.79
N THR A 30 1.11 -8.68 -10.01
CA THR A 30 1.49 -9.82 -9.13
C THR A 30 1.71 -11.08 -9.97
N GLU A 31 1.47 -12.24 -9.41
CA GLU A 31 1.69 -13.50 -10.17
C GLU A 31 3.12 -13.47 -10.74
N GLU A 32 3.90 -12.53 -10.31
CA GLU A 32 5.31 -12.45 -10.81
C GLU A 32 6.08 -13.69 -10.37
N GLY A 33 5.65 -14.32 -9.32
CA GLY A 33 6.34 -15.54 -8.82
C GLY A 33 7.32 -15.15 -7.71
N SER A 34 7.95 -14.02 -7.84
CA SER A 34 8.92 -13.58 -6.79
C SER A 34 8.17 -13.34 -5.49
N ARG A 35 8.51 -12.28 -4.78
CA ARG A 35 7.81 -11.97 -3.49
C ARG A 35 7.26 -10.54 -3.54
N ARG A 36 7.83 -9.65 -2.78
CA ARG A 36 7.34 -8.24 -2.78
C ARG A 36 5.82 -8.22 -2.71
N SER A 37 5.23 -7.07 -2.88
CA SER A 37 3.74 -6.92 -2.84
C SER A 37 3.18 -7.35 -1.48
N ARG A 38 3.37 -8.58 -1.08
CA ARG A 38 2.82 -9.01 0.24
C ARG A 38 3.41 -8.12 1.34
N GLY A 39 4.38 -7.32 1.01
CA GLY A 39 4.98 -6.41 2.02
C GLY A 39 4.10 -5.17 2.14
N ILE A 40 3.56 -4.72 1.03
CA ILE A 40 2.71 -3.49 1.04
C ILE A 40 1.21 -3.90 1.01
N VAL A 41 0.82 -4.75 0.10
CA VAL A 41 -0.62 -5.14 0.02
C VAL A 41 -1.07 -5.95 1.24
N GLU A 42 -0.53 -7.13 1.43
CA GLU A 42 -0.96 -7.95 2.60
C GLU A 42 -0.73 -7.18 3.90
N GLN A 43 0.44 -6.63 4.10
CA GLN A 43 0.69 -5.87 5.36
C GLN A 43 -0.49 -4.94 5.67
N CYS A 44 -0.90 -4.16 4.71
CA CYS A 44 -2.04 -3.22 4.93
C CYS A 44 -3.38 -3.94 4.72
N CYS A 45 -3.55 -4.58 3.60
CA CYS A 45 -4.83 -5.31 3.34
C CYS A 45 -5.03 -6.41 4.38
N ARG A 46 -4.02 -7.18 4.67
CA ARG A 46 -4.18 -8.26 5.67
C ARG A 46 -4.33 -7.64 7.07
N SER A 47 -3.60 -6.59 7.36
CA SER A 47 -3.71 -5.94 8.71
C SER A 47 -3.72 -4.43 8.57
N ILE A 48 -4.32 -3.74 9.48
CA ILE A 48 -4.36 -2.25 9.39
C ILE A 48 -2.96 -1.68 9.60
N CYS A 49 -2.28 -1.34 8.52
CA CYS A 49 -0.92 -0.77 8.65
C CYS A 49 -1.03 0.73 8.93
N SER A 50 -0.20 1.26 9.78
CA SER A 50 -0.28 2.71 10.10
C SER A 50 0.20 3.54 8.89
N LEU A 51 -0.22 4.77 8.81
CA LEU A 51 0.20 5.63 7.67
C LEU A 51 1.73 5.61 7.56
N TYR A 52 2.41 5.52 8.68
CA TYR A 52 3.90 5.49 8.63
C TYR A 52 4.36 4.45 7.60
N GLN A 53 3.81 3.27 7.67
CA GLN A 53 4.20 2.21 6.70
C GLN A 53 3.79 2.66 5.29
N LEU A 54 2.56 3.07 5.13
CA LEU A 54 2.12 3.53 3.78
C LEU A 54 3.03 4.66 3.34
N GLU A 55 3.50 5.42 4.28
CA GLU A 55 4.41 6.54 3.96
C GLU A 55 5.79 5.99 3.63
N ASN A 56 5.99 4.73 3.85
CA ASN A 56 7.33 4.11 3.59
C ASN A 56 7.52 3.81 2.10
N TYR A 57 6.44 3.68 1.36
CA TYR A 57 6.55 3.36 -0.09
C TYR A 57 6.40 4.63 -0.93
N CYS A 58 6.07 5.72 -0.30
CA CYS A 58 5.91 6.99 -1.06
C CYS A 58 7.23 7.37 -1.74
N GLY A 59 7.35 7.06 -3.00
CA GLY A 59 8.61 7.39 -3.73
C GLY A 59 8.60 8.86 -4.15
N PHE A 1 -9.93 7.06 6.19
CA PHE A 1 -8.65 6.40 5.84
C PHE A 1 -7.76 6.39 7.08
N VAL A 2 -8.10 5.60 8.06
CA VAL A 2 -7.29 5.52 9.32
C VAL A 2 -7.32 4.09 9.84
N ASN A 3 -7.99 3.85 10.92
CA ASN A 3 -8.06 2.47 11.47
C ASN A 3 -8.91 1.59 10.55
N GLN A 4 -8.44 1.31 9.37
CA GLN A 4 -9.22 0.46 8.42
C GLN A 4 -8.26 -0.26 7.47
N HIS A 5 -8.54 -1.49 7.16
CA HIS A 5 -7.65 -2.26 6.25
C HIS A 5 -7.72 -1.64 4.84
N LEU A 6 -6.68 -1.82 4.08
CA LEU A 6 -6.62 -1.25 2.69
C LEU A 6 -6.42 -2.38 1.68
N CYS A 7 -7.36 -2.58 0.80
CA CYS A 7 -7.22 -3.66 -0.22
C CYS A 7 -7.47 -3.10 -1.62
N GLY A 8 -6.52 -3.29 -2.50
CA GLY A 8 -6.68 -2.81 -3.91
C GLY A 8 -6.85 -1.28 -3.95
N SER A 9 -7.78 -0.82 -4.73
CA SER A 9 -8.00 0.65 -4.86
C SER A 9 -7.94 1.32 -3.48
N HIS A 10 -8.40 0.67 -2.45
CA HIS A 10 -8.36 1.29 -1.11
C HIS A 10 -6.90 1.59 -0.76
N LEU A 11 -6.00 0.75 -1.19
CA LEU A 11 -4.56 0.97 -0.88
C LEU A 11 -4.06 2.13 -1.74
N VAL A 12 -4.33 2.07 -3.01
CA VAL A 12 -3.89 3.17 -3.91
C VAL A 12 -4.53 4.47 -3.41
N GLU A 13 -5.83 4.52 -3.43
CA GLU A 13 -6.54 5.73 -2.98
C GLU A 13 -5.92 6.26 -1.68
N ALA A 14 -5.36 5.39 -0.87
CA ALA A 14 -4.74 5.87 0.40
C ALA A 14 -3.30 6.33 0.14
N LEU A 15 -2.45 5.45 -0.33
CA LEU A 15 -1.04 5.85 -0.60
C LEU A 15 -1.02 7.16 -1.38
N TYR A 16 -1.94 7.33 -2.27
CA TYR A 16 -1.98 8.57 -3.09
C TYR A 16 -1.92 9.78 -2.15
N LEU A 17 -2.60 9.73 -1.04
CA LEU A 17 -2.56 10.86 -0.08
C LEU A 17 -1.26 10.81 0.71
N VAL A 18 -0.97 9.67 1.28
CA VAL A 18 0.28 9.51 2.08
C VAL A 18 1.46 10.03 1.25
N CYS A 19 1.62 9.51 0.07
CA CYS A 19 2.75 9.94 -0.81
C CYS A 19 2.43 11.29 -1.46
N GLY A 20 1.18 11.64 -1.56
CA GLY A 20 0.83 12.92 -2.20
C GLY A 20 1.47 12.96 -3.60
N GLU A 21 2.39 13.87 -3.82
CA GLU A 21 3.04 13.95 -5.15
C GLU A 21 4.22 12.98 -5.22
N ARG A 22 4.77 12.60 -4.09
CA ARG A 22 5.92 11.66 -4.11
C ARG A 22 5.52 10.40 -4.88
N GLY A 23 4.30 9.96 -4.73
CA GLY A 23 3.85 8.75 -5.47
C GLY A 23 4.45 7.49 -4.83
N PHE A 24 3.91 6.35 -5.16
CA PHE A 24 4.41 5.06 -4.61
C PHE A 24 4.39 4.03 -5.74
N PHE A 25 4.93 2.86 -5.52
CA PHE A 25 4.94 1.81 -6.59
C PHE A 25 4.00 0.67 -6.20
N TYR A 26 3.06 0.33 -7.05
CA TYR A 26 2.11 -0.79 -6.71
C TYR A 26 2.67 -2.11 -7.25
N THR A 27 2.23 -3.21 -6.72
CA THR A 27 2.75 -4.54 -7.18
C THR A 27 2.82 -4.56 -8.73
N PRO A 28 3.79 -5.25 -9.30
CA PRO A 28 3.92 -5.33 -10.79
C PRO A 28 2.77 -6.15 -11.38
N ARG A 29 1.68 -6.27 -10.66
CA ARG A 29 0.51 -7.04 -11.17
C ARG A 29 0.87 -8.52 -11.33
N THR A 30 2.14 -8.82 -11.38
CA THR A 30 2.56 -10.24 -11.54
C THR A 30 1.82 -11.10 -10.52
N GLU A 31 0.78 -11.77 -10.94
CA GLU A 31 0.02 -12.63 -9.98
C GLU A 31 0.91 -13.79 -9.51
N GLU A 32 2.06 -13.96 -10.10
CA GLU A 32 2.96 -15.06 -9.68
C GLU A 32 3.42 -14.83 -8.24
N GLY A 33 3.47 -13.60 -7.82
CA GLY A 33 3.90 -13.29 -6.43
C GLY A 33 5.42 -13.28 -6.36
N SER A 34 5.99 -12.61 -5.39
CA SER A 34 7.47 -12.55 -5.26
C SER A 34 7.84 -12.27 -3.81
N ARG A 35 8.71 -11.32 -3.59
CA ARG A 35 9.12 -10.98 -2.18
C ARG A 35 8.32 -9.76 -1.69
N ARG A 36 8.39 -8.68 -2.40
CA ARG A 36 7.64 -7.47 -1.98
C ARG A 36 6.14 -7.69 -2.20
N SER A 37 5.43 -6.66 -2.58
CA SER A 37 3.96 -6.79 -2.83
C SER A 37 3.24 -7.30 -1.57
N ARG A 38 3.44 -8.54 -1.21
CA ARG A 38 2.76 -9.07 0.00
C ARG A 38 3.16 -8.21 1.20
N GLY A 39 4.21 -7.44 1.06
CA GLY A 39 4.64 -6.57 2.19
C GLY A 39 3.81 -5.29 2.18
N ILE A 40 3.31 -4.90 1.03
CA ILE A 40 2.48 -3.66 0.94
C ILE A 40 0.97 -4.01 0.87
N VAL A 41 0.57 -4.84 -0.06
CA VAL A 41 -0.89 -5.17 -0.17
C VAL A 41 -1.36 -6.04 1.00
N GLU A 42 -0.88 -7.25 1.11
CA GLU A 42 -1.33 -8.13 2.22
C GLU A 42 -1.08 -7.46 3.57
N GLN A 43 0.11 -6.98 3.81
CA GLN A 43 0.38 -6.34 5.13
C GLN A 43 -0.74 -5.32 5.45
N CYS A 44 -1.01 -4.41 4.55
CA CYS A 44 -2.08 -3.39 4.82
C CYS A 44 -3.46 -4.03 4.65
N CYS A 45 -3.70 -4.67 3.54
CA CYS A 45 -5.02 -5.32 3.32
C CYS A 45 -5.28 -6.39 4.39
N ARG A 46 -4.36 -7.30 4.57
CA ARG A 46 -4.56 -8.38 5.59
C ARG A 46 -4.57 -7.77 7.00
N SER A 47 -3.77 -6.76 7.24
CA SER A 47 -3.73 -6.13 8.61
C SER A 47 -3.74 -4.61 8.46
N ILE A 48 -4.37 -3.92 9.35
CA ILE A 48 -4.42 -2.43 9.25
C ILE A 48 -3.02 -1.86 9.49
N CYS A 49 -2.32 -1.53 8.43
CA CYS A 49 -0.95 -0.98 8.59
C CYS A 49 -1.04 0.53 8.87
N SER A 50 -0.20 1.05 9.71
CA SER A 50 -0.26 2.50 10.02
C SER A 50 0.22 3.31 8.82
N LEU A 51 -0.18 4.55 8.74
CA LEU A 51 0.26 5.38 7.59
C LEU A 51 1.78 5.32 7.46
N TYR A 52 2.47 5.18 8.57
CA TYR A 52 3.96 5.10 8.52
C TYR A 52 4.37 4.09 7.45
N GLN A 53 3.89 2.88 7.55
CA GLN A 53 4.25 1.85 6.54
C GLN A 53 3.86 2.35 5.15
N LEU A 54 2.63 2.79 4.99
CA LEU A 54 2.21 3.29 3.66
C LEU A 54 3.18 4.39 3.23
N GLU A 55 3.63 5.15 4.16
CA GLU A 55 4.59 6.25 3.85
C GLU A 55 5.96 5.64 3.51
N ASN A 56 6.11 4.36 3.71
CA ASN A 56 7.42 3.70 3.44
C ASN A 56 7.58 3.42 1.94
N TYR A 57 6.51 3.36 1.21
CA TYR A 57 6.59 3.04 -0.25
C TYR A 57 6.47 4.32 -1.08
N CYS A 58 6.18 5.42 -0.44
CA CYS A 58 6.03 6.69 -1.20
C CYS A 58 7.35 7.03 -1.89
N GLY A 59 7.45 6.70 -3.14
CA GLY A 59 8.70 7.00 -3.90
C GLY A 59 8.82 8.51 -4.12
N PHE A 1 -10.28 6.14 5.25
CA PHE A 1 -8.92 5.75 5.76
C PHE A 1 -9.06 5.32 7.23
N VAL A 2 -10.27 5.25 7.72
CA VAL A 2 -10.49 4.86 9.14
C VAL A 2 -9.77 3.55 9.46
N ASN A 3 -10.05 2.99 10.61
CA ASN A 3 -9.40 1.71 10.99
C ASN A 3 -9.95 0.57 10.13
N GLN A 4 -9.35 0.32 9.01
CA GLN A 4 -9.84 -0.78 8.12
C GLN A 4 -8.66 -1.37 7.35
N HIS A 5 -8.85 -2.52 6.76
CA HIS A 5 -7.73 -3.16 5.99
C HIS A 5 -7.68 -2.58 4.58
N LEU A 6 -6.56 -2.07 4.17
CA LEU A 6 -6.43 -1.50 2.80
C LEU A 6 -6.13 -2.64 1.81
N CYS A 7 -7.01 -2.90 0.89
CA CYS A 7 -6.76 -4.00 -0.11
C CYS A 7 -6.96 -3.48 -1.54
N GLY A 8 -5.94 -3.65 -2.35
CA GLY A 8 -6.03 -3.21 -3.77
C GLY A 8 -6.26 -1.70 -3.86
N SER A 9 -7.15 -1.30 -4.74
CA SER A 9 -7.43 0.15 -4.92
C SER A 9 -7.50 0.86 -3.57
N HIS A 10 -7.99 0.20 -2.56
CA HIS A 10 -8.07 0.88 -1.23
C HIS A 10 -6.66 1.24 -0.78
N LEU A 11 -5.69 0.43 -1.11
CA LEU A 11 -4.29 0.75 -0.71
C LEU A 11 -3.80 1.92 -1.54
N VAL A 12 -3.97 1.83 -2.82
CA VAL A 12 -3.56 2.94 -3.70
C VAL A 12 -4.30 4.19 -3.26
N GLU A 13 -5.60 4.14 -3.32
CA GLU A 13 -6.41 5.32 -2.92
C GLU A 13 -5.88 5.90 -1.62
N ALA A 14 -5.31 5.09 -0.76
CA ALA A 14 -4.77 5.62 0.53
C ALA A 14 -3.35 6.15 0.32
N LEU A 15 -2.43 5.31 -0.09
CA LEU A 15 -1.03 5.79 -0.30
C LEU A 15 -1.04 7.09 -1.10
N TYR A 16 -1.95 7.21 -2.03
CA TYR A 16 -2.02 8.44 -2.87
C TYR A 16 -2.06 9.65 -1.94
N LEU A 17 -2.80 9.58 -0.87
CA LEU A 17 -2.88 10.73 0.08
C LEU A 17 -1.62 10.75 0.94
N VAL A 18 -1.31 9.64 1.54
CA VAL A 18 -0.08 9.56 2.40
C VAL A 18 1.11 10.13 1.62
N CYS A 19 1.34 9.61 0.46
CA CYS A 19 2.48 10.10 -0.37
C CYS A 19 2.11 11.39 -1.10
N GLY A 20 0.84 11.65 -1.28
CA GLY A 20 0.44 12.89 -1.98
C GLY A 20 1.17 12.97 -3.32
N GLU A 21 2.01 13.95 -3.50
CA GLU A 21 2.76 14.07 -4.78
C GLU A 21 4.01 13.19 -4.74
N ARG A 22 4.48 12.87 -3.56
CA ARG A 22 5.70 12.01 -3.46
C ARG A 22 5.48 10.73 -4.25
N GLY A 23 4.29 10.19 -4.21
CA GLY A 23 3.99 8.95 -4.97
C GLY A 23 4.61 7.73 -4.27
N PHE A 24 4.14 6.56 -4.59
CA PHE A 24 4.68 5.30 -3.97
C PHE A 24 4.80 4.25 -5.09
N PHE A 25 5.38 3.11 -4.80
CA PHE A 25 5.54 2.06 -5.86
C PHE A 25 4.59 0.88 -5.56
N TYR A 26 3.73 0.55 -6.49
CA TYR A 26 2.79 -0.61 -6.28
C TYR A 26 3.35 -1.82 -7.02
N THR A 27 2.91 -3.01 -6.70
CA THR A 27 3.44 -4.21 -7.41
C THR A 27 3.33 -3.95 -8.92
N PRO A 28 4.28 -4.44 -9.71
CA PRO A 28 4.25 -4.23 -11.16
C PRO A 28 2.91 -4.73 -11.73
N ARG A 29 2.83 -5.99 -12.05
CA ARG A 29 1.57 -6.53 -12.63
C ARG A 29 1.70 -8.04 -12.79
N THR A 30 2.56 -8.65 -12.01
CA THR A 30 2.74 -10.12 -12.11
C THR A 30 1.64 -10.86 -11.34
N GLU A 31 0.72 -11.47 -12.04
CA GLU A 31 -0.38 -12.21 -11.36
C GLU A 31 0.08 -13.65 -11.13
N GLU A 32 1.11 -14.07 -11.80
CA GLU A 32 1.61 -15.46 -11.62
C GLU A 32 2.20 -15.60 -10.23
N GLY A 33 2.80 -14.57 -9.73
CA GLY A 33 3.40 -14.62 -8.36
C GLY A 33 3.85 -13.21 -7.97
N SER A 34 3.80 -12.90 -6.71
CA SER A 34 4.22 -11.54 -6.24
C SER A 34 5.63 -11.60 -5.64
N ARG A 35 6.02 -10.57 -4.97
CA ARG A 35 7.38 -10.54 -4.35
C ARG A 35 7.33 -9.69 -3.07
N ARG A 36 8.06 -8.62 -3.05
CA ARG A 36 8.07 -7.73 -1.85
C ARG A 36 6.64 -7.36 -1.46
N SER A 37 5.87 -7.02 -2.44
CA SER A 37 4.45 -6.59 -2.24
C SER A 37 3.82 -7.20 -0.96
N ARG A 38 4.17 -8.40 -0.60
CA ARG A 38 3.58 -9.00 0.64
C ARG A 38 3.90 -8.10 1.83
N GLY A 39 4.84 -7.22 1.68
CA GLY A 39 5.20 -6.30 2.80
C GLY A 39 4.27 -5.09 2.80
N ILE A 40 3.82 -4.68 1.63
CA ILE A 40 2.93 -3.47 1.54
C ILE A 40 1.45 -3.90 1.40
N VAL A 41 1.11 -4.73 0.43
CA VAL A 41 -0.32 -5.12 0.26
C VAL A 41 -0.80 -6.01 1.41
N GLU A 42 -0.23 -7.17 1.54
CA GLU A 42 -0.68 -8.09 2.63
C GLU A 42 -0.56 -7.40 3.99
N GLN A 43 0.57 -6.83 4.30
CA GLN A 43 0.71 -6.16 5.63
C GLN A 43 -0.48 -5.22 5.88
N CYS A 44 -0.75 -4.33 4.97
CA CYS A 44 -1.88 -3.39 5.16
C CYS A 44 -3.21 -4.12 4.93
N CYS A 45 -3.35 -4.77 3.82
CA CYS A 45 -4.62 -5.51 3.52
C CYS A 45 -4.86 -6.58 4.59
N ARG A 46 -3.90 -7.43 4.83
CA ARG A 46 -4.10 -8.51 5.85
C ARG A 46 -4.17 -7.90 7.26
N SER A 47 -3.43 -6.85 7.52
CA SER A 47 -3.46 -6.21 8.88
C SER A 47 -3.55 -4.71 8.73
N ILE A 48 -4.22 -4.03 9.63
CA ILE A 48 -4.34 -2.56 9.52
C ILE A 48 -2.98 -1.91 9.78
N CYS A 49 -2.27 -1.54 8.73
CA CYS A 49 -0.94 -0.91 8.91
C CYS A 49 -1.14 0.60 9.16
N SER A 50 -0.39 1.16 10.08
CA SER A 50 -0.54 2.61 10.38
C SER A 50 -0.03 3.44 9.20
N LEU A 51 -0.45 4.68 9.13
CA LEU A 51 0.02 5.56 8.02
C LEU A 51 1.55 5.56 7.99
N TYR A 52 2.18 5.43 9.13
CA TYR A 52 3.67 5.42 9.16
C TYR A 52 4.18 4.41 8.12
N GLN A 53 3.65 3.22 8.13
CA GLN A 53 4.09 2.20 7.15
C GLN A 53 3.74 2.68 5.74
N LEU A 54 2.51 3.04 5.52
CA LEU A 54 2.12 3.52 4.17
C LEU A 54 3.03 4.66 3.78
N GLU A 55 3.42 5.46 4.73
CA GLU A 55 4.32 6.60 4.45
C GLU A 55 5.73 6.08 4.18
N ASN A 56 5.95 4.82 4.41
CA ASN A 56 7.30 4.24 4.21
C ASN A 56 7.56 3.94 2.72
N TYR A 57 6.52 3.80 1.95
CA TYR A 57 6.71 3.49 0.49
C TYR A 57 6.55 4.75 -0.36
N CYS A 58 6.17 5.84 0.25
CA CYS A 58 6.01 7.10 -0.53
C CYS A 58 7.34 7.48 -1.16
N GLY A 59 7.54 7.14 -2.40
CA GLY A 59 8.81 7.48 -3.08
C GLY A 59 8.83 6.87 -4.48
N PHE A 1 -7.02 9.19 5.80
CA PHE A 1 -8.20 8.30 5.96
C PHE A 1 -8.14 7.64 7.34
N VAL A 2 -9.28 7.45 7.96
CA VAL A 2 -9.29 6.81 9.31
C VAL A 2 -8.57 5.47 9.25
N ASN A 3 -8.69 4.69 10.30
CA ASN A 3 -8.01 3.36 10.32
C ASN A 3 -8.92 2.32 9.68
N GLN A 4 -8.41 1.53 8.78
CA GLN A 4 -9.25 0.49 8.12
C GLN A 4 -8.37 -0.43 7.28
N HIS A 5 -8.89 -1.56 6.89
CA HIS A 5 -8.09 -2.51 6.07
C HIS A 5 -8.06 -2.03 4.62
N LEU A 6 -6.88 -1.89 4.05
CA LEU A 6 -6.76 -1.41 2.64
C LEU A 6 -6.51 -2.61 1.72
N CYS A 7 -7.40 -2.89 0.81
CA CYS A 7 -7.21 -4.04 -0.13
C CYS A 7 -7.41 -3.59 -1.58
N GLY A 8 -6.43 -3.83 -2.40
CA GLY A 8 -6.52 -3.45 -3.83
C GLY A 8 -6.65 -1.93 -3.98
N SER A 9 -7.50 -1.48 -4.87
CA SER A 9 -7.67 -0.02 -5.10
C SER A 9 -7.70 0.73 -3.76
N HIS A 10 -8.25 0.14 -2.74
CA HIS A 10 -8.28 0.85 -1.43
C HIS A 10 -6.85 1.18 -1.02
N LEU A 11 -5.93 0.32 -1.33
CA LEU A 11 -4.50 0.57 -0.97
C LEU A 11 -3.97 1.69 -1.86
N VAL A 12 -4.11 1.57 -3.13
CA VAL A 12 -3.63 2.64 -4.04
C VAL A 12 -4.36 3.92 -3.68
N GLU A 13 -5.66 3.90 -3.75
CA GLU A 13 -6.45 5.12 -3.41
C GLU A 13 -5.92 5.75 -2.13
N ALA A 14 -5.35 4.97 -1.24
CA ALA A 14 -4.81 5.53 0.02
C ALA A 14 -3.37 6.01 -0.21
N LEU A 15 -2.48 5.11 -0.57
CA LEU A 15 -1.06 5.52 -0.79
C LEU A 15 -1.01 6.79 -1.65
N TYR A 16 -1.91 6.90 -2.59
CA TYR A 16 -1.91 8.09 -3.47
C TYR A 16 -1.91 9.35 -2.58
N LEU A 17 -2.67 9.35 -1.52
CA LEU A 17 -2.71 10.52 -0.61
C LEU A 17 -1.45 10.53 0.25
N VAL A 18 -1.19 9.42 0.89
CA VAL A 18 0.02 9.33 1.76
C VAL A 18 1.24 9.83 0.98
N CYS A 19 1.48 9.27 -0.17
CA CYS A 19 2.65 9.68 -1.00
C CYS A 19 2.33 10.97 -1.74
N GLY A 20 1.09 11.29 -1.92
CA GLY A 20 0.74 12.53 -2.65
C GLY A 20 1.46 12.53 -4.00
N GLU A 21 2.35 13.46 -4.22
CA GLU A 21 3.09 13.49 -5.52
C GLU A 21 4.29 12.56 -5.45
N ARG A 22 4.75 12.25 -4.26
CA ARG A 22 5.93 11.34 -4.14
C ARG A 22 5.64 10.05 -4.89
N GLY A 23 4.43 9.56 -4.83
CA GLY A 23 4.09 8.30 -5.54
C GLY A 23 4.65 7.09 -4.80
N PHE A 24 4.15 5.92 -5.10
CA PHE A 24 4.64 4.67 -4.45
C PHE A 24 4.70 3.58 -5.52
N PHE A 25 5.25 2.44 -5.19
CA PHE A 25 5.34 1.33 -6.18
C PHE A 25 4.36 0.23 -5.76
N TYR A 26 3.46 -0.15 -6.62
CA TYR A 26 2.47 -1.22 -6.25
C TYR A 26 3.02 -2.60 -6.63
N THR A 27 2.48 -3.63 -6.06
CA THR A 27 2.94 -5.01 -6.36
C THR A 27 3.19 -5.16 -7.87
N PRO A 28 4.16 -5.97 -8.27
CA PRO A 28 4.44 -6.18 -9.69
C PRO A 28 3.12 -6.43 -10.43
N ARG A 29 2.92 -5.72 -11.49
CA ARG A 29 1.68 -5.85 -12.29
C ARG A 29 1.65 -7.23 -12.97
N THR A 30 2.45 -8.15 -12.48
CA THR A 30 2.48 -9.53 -13.07
C THR A 30 1.73 -10.48 -12.14
N GLU A 31 1.50 -10.07 -10.91
CA GLU A 31 0.77 -10.94 -9.96
C GLU A 31 1.40 -12.33 -9.94
N GLU A 32 2.59 -12.47 -10.44
CA GLU A 32 3.26 -13.79 -10.44
C GLU A 32 3.74 -14.12 -9.04
N GLY A 33 4.30 -13.17 -8.36
CA GLY A 33 4.80 -13.42 -6.97
C GLY A 33 6.06 -12.60 -6.71
N SER A 34 6.27 -12.20 -5.49
CA SER A 34 7.48 -11.38 -5.17
C SER A 34 7.77 -11.45 -3.67
N ARG A 35 8.08 -10.34 -3.06
CA ARG A 35 8.39 -10.32 -1.60
C ARG A 35 7.80 -9.04 -0.98
N ARG A 36 8.12 -7.92 -1.55
CA ARG A 36 7.58 -6.64 -1.01
C ARG A 36 6.06 -6.67 -1.02
N SER A 37 5.52 -7.02 -2.13
CA SER A 37 4.02 -7.07 -2.30
C SER A 37 3.34 -7.57 -1.03
N ARG A 38 3.55 -8.80 -0.64
CA ARG A 38 2.88 -9.31 0.59
C ARG A 38 3.26 -8.42 1.79
N GLY A 39 4.29 -7.64 1.64
CA GLY A 39 4.71 -6.75 2.75
C GLY A 39 3.86 -5.49 2.71
N ILE A 40 3.39 -5.10 1.56
CA ILE A 40 2.55 -3.86 1.44
C ILE A 40 1.05 -4.23 1.33
N VAL A 41 0.68 -5.13 0.44
CA VAL A 41 -0.76 -5.47 0.31
C VAL A 41 -1.26 -6.25 1.53
N GLU A 42 -0.78 -7.43 1.76
CA GLU A 42 -1.27 -8.23 2.93
C GLU A 42 -1.07 -7.45 4.22
N GLN A 43 0.09 -6.89 4.44
CA GLN A 43 0.31 -6.12 5.70
C GLN A 43 -0.85 -5.15 5.92
N CYS A 44 -1.14 -4.33 4.94
CA CYS A 44 -2.26 -3.35 5.09
C CYS A 44 -3.61 -4.06 4.89
N CYS A 45 -3.77 -4.74 3.80
CA CYS A 45 -5.06 -5.46 3.55
C CYS A 45 -5.31 -6.48 4.66
N ARG A 46 -4.37 -7.34 4.93
CA ARG A 46 -4.56 -8.37 5.97
C ARG A 46 -4.61 -7.72 7.37
N SER A 47 -3.88 -6.65 7.57
CA SER A 47 -3.89 -5.98 8.91
C SER A 47 -3.98 -4.47 8.73
N ILE A 48 -4.65 -3.78 9.60
CA ILE A 48 -4.77 -2.30 9.44
C ILE A 48 -3.41 -1.66 9.68
N CYS A 49 -2.70 -1.34 8.63
CA CYS A 49 -1.36 -0.71 8.78
C CYS A 49 -1.52 0.81 8.95
N SER A 50 -0.73 1.42 9.78
CA SER A 50 -0.84 2.89 9.99
C SER A 50 -0.29 3.62 8.77
N LEU A 51 -0.66 4.87 8.60
CA LEU A 51 -0.15 5.64 7.43
C LEU A 51 1.37 5.56 7.39
N TYR A 52 2.00 5.50 8.53
CA TYR A 52 3.50 5.41 8.56
C TYR A 52 3.97 4.33 7.58
N GLN A 53 3.50 3.13 7.74
CA GLN A 53 3.92 2.04 6.81
C GLN A 53 3.57 2.45 5.38
N LEU A 54 2.36 2.87 5.14
CA LEU A 54 1.99 3.29 3.77
C LEU A 54 2.96 4.39 3.33
N GLU A 55 3.38 5.18 4.26
CA GLU A 55 4.33 6.28 3.93
C GLU A 55 5.72 5.68 3.68
N ASN A 56 5.88 4.42 3.97
CA ASN A 56 7.21 3.76 3.79
C ASN A 56 7.45 3.41 2.32
N TYR A 57 6.41 3.28 1.54
CA TYR A 57 6.57 2.89 0.10
C TYR A 57 6.46 4.12 -0.80
N CYS A 58 6.14 5.26 -0.24
CA CYS A 58 6.02 6.49 -1.05
C CYS A 58 7.37 6.82 -1.68
N GLY A 59 7.56 6.43 -2.91
CA GLY A 59 8.85 6.71 -3.60
C GLY A 59 8.69 6.46 -5.10
N PHE A 1 -8.48 8.21 6.26
CA PHE A 1 -7.57 7.26 6.96
C PHE A 1 -8.10 7.00 8.38
N VAL A 2 -8.45 5.78 8.67
CA VAL A 2 -8.97 5.44 10.01
C VAL A 2 -8.71 3.96 10.28
N ASN A 3 -9.50 3.34 11.11
CA ASN A 3 -9.29 1.89 11.39
C ASN A 3 -9.97 1.07 10.29
N GLN A 4 -9.26 0.75 9.25
CA GLN A 4 -9.87 -0.04 8.14
C GLN A 4 -8.77 -0.76 7.35
N HIS A 5 -9.07 -1.89 6.79
CA HIS A 5 -8.05 -2.65 6.01
C HIS A 5 -8.04 -2.12 4.57
N LEU A 6 -6.90 -1.75 4.08
CA LEU A 6 -6.80 -1.22 2.68
C LEU A 6 -6.56 -2.39 1.71
N CYS A 7 -7.49 -2.63 0.81
CA CYS A 7 -7.30 -3.76 -0.17
C CYS A 7 -7.59 -3.26 -1.59
N GLY A 8 -6.64 -3.46 -2.47
CA GLY A 8 -6.80 -3.04 -3.89
C GLY A 8 -7.02 -1.53 -4.00
N SER A 9 -7.94 -1.11 -4.83
CA SER A 9 -8.22 0.33 -5.02
C SER A 9 -8.19 1.07 -3.68
N HIS A 10 -8.59 0.43 -2.62
CA HIS A 10 -8.58 1.13 -1.31
C HIS A 10 -7.14 1.46 -0.93
N LEU A 11 -6.21 0.62 -1.31
CA LEU A 11 -4.79 0.89 -0.99
C LEU A 11 -4.31 2.04 -1.86
N VAL A 12 -4.56 1.95 -3.14
CA VAL A 12 -4.15 3.05 -4.04
C VAL A 12 -4.81 4.34 -3.57
N GLU A 13 -6.11 4.36 -3.54
CA GLU A 13 -6.84 5.57 -3.10
C GLU A 13 -6.18 6.14 -1.84
N ALA A 14 -5.59 5.32 -1.03
CA ALA A 14 -4.94 5.85 0.22
C ALA A 14 -3.51 6.30 -0.11
N LEU A 15 -2.67 5.41 -0.56
CA LEU A 15 -1.27 5.81 -0.88
C LEU A 15 -1.27 7.10 -1.70
N TYR A 16 -2.22 7.25 -2.58
CA TYR A 16 -2.29 8.48 -3.42
C TYR A 16 -2.20 9.71 -2.51
N LEU A 17 -2.86 9.67 -1.38
CA LEU A 17 -2.81 10.83 -0.45
C LEU A 17 -1.49 10.79 0.31
N VAL A 18 -1.17 9.66 0.87
CA VAL A 18 0.10 9.54 1.64
C VAL A 18 1.26 10.04 0.77
N CYS A 19 1.39 9.50 -0.41
CA CYS A 19 2.48 9.93 -1.33
C CYS A 19 2.11 11.24 -2.02
N GLY A 20 0.85 11.55 -2.09
CA GLY A 20 0.44 12.80 -2.78
C GLY A 20 1.06 12.82 -4.17
N GLU A 21 1.92 13.76 -4.45
CA GLU A 21 2.55 13.81 -5.80
C GLU A 21 3.77 12.89 -5.83
N ARG A 22 4.33 12.59 -4.70
CA ARG A 22 5.52 11.68 -4.69
C ARG A 22 5.17 10.38 -5.41
N GLY A 23 3.97 9.91 -5.23
CA GLY A 23 3.55 8.66 -5.92
C GLY A 23 4.18 7.43 -5.26
N PHE A 24 3.63 6.28 -5.53
CA PHE A 24 4.18 5.00 -4.96
C PHE A 24 4.17 3.95 -6.07
N PHE A 25 4.74 2.80 -5.83
CA PHE A 25 4.78 1.74 -6.87
C PHE A 25 3.86 0.58 -6.44
N TYR A 26 2.88 0.24 -7.24
CA TYR A 26 1.97 -0.89 -6.85
C TYR A 26 2.52 -2.19 -7.42
N THR A 27 3.04 -3.04 -6.58
CA THR A 27 3.62 -4.36 -6.99
C THR A 27 3.37 -4.69 -8.48
N PRO A 28 4.17 -4.12 -9.37
CA PRO A 28 4.01 -4.36 -10.82
C PRO A 28 4.23 -5.85 -11.07
N ARG A 29 4.67 -6.52 -10.05
CA ARG A 29 4.89 -7.99 -10.14
C ARG A 29 3.55 -8.65 -9.96
N THR A 30 2.69 -7.97 -9.28
CA THR A 30 1.33 -8.50 -9.03
C THR A 30 1.43 -9.92 -8.45
N GLU A 31 0.36 -10.66 -8.47
CA GLU A 31 0.40 -12.05 -7.92
C GLU A 31 1.28 -12.92 -8.83
N GLU A 32 2.20 -12.32 -9.53
CA GLU A 32 3.10 -13.09 -10.43
C GLU A 32 4.38 -13.42 -9.67
N GLY A 33 4.78 -12.54 -8.79
CA GLY A 33 6.02 -12.77 -7.98
C GLY A 33 5.62 -13.34 -6.62
N SER A 34 6.22 -12.85 -5.56
CA SER A 34 5.86 -13.38 -4.22
C SER A 34 6.42 -12.47 -3.12
N ARG A 35 7.71 -12.47 -2.97
CA ARG A 35 8.36 -11.62 -1.92
C ARG A 35 7.68 -10.25 -1.81
N ARG A 36 7.60 -9.53 -2.88
CA ARG A 36 6.97 -8.18 -2.83
C ARG A 36 5.45 -8.33 -2.66
N SER A 37 4.73 -7.27 -2.88
CA SER A 37 3.24 -7.27 -2.77
C SER A 37 2.79 -7.68 -1.35
N ARG A 38 3.09 -8.87 -0.91
CA ARG A 38 2.65 -9.27 0.45
C ARG A 38 3.24 -8.29 1.46
N GLY A 39 4.18 -7.49 1.05
CA GLY A 39 4.77 -6.49 1.99
C GLY A 39 3.89 -5.25 2.03
N ILE A 40 3.31 -4.88 0.92
CA ILE A 40 2.42 -3.67 0.87
C ILE A 40 0.94 -4.09 0.91
N VAL A 41 0.52 -5.00 0.07
CA VAL A 41 -0.92 -5.39 0.07
C VAL A 41 -1.34 -6.11 1.36
N GLU A 42 -0.79 -7.28 1.61
CA GLU A 42 -1.18 -8.04 2.82
C GLU A 42 -0.98 -7.20 4.10
N GLN A 43 0.18 -6.67 4.31
CA GLN A 43 0.41 -5.87 5.55
C GLN A 43 -0.75 -4.88 5.77
N CYS A 44 -1.09 -4.12 4.75
CA CYS A 44 -2.20 -3.14 4.90
C CYS A 44 -3.56 -3.84 4.74
N CYS A 45 -3.76 -4.54 3.67
CA CYS A 45 -5.06 -5.25 3.46
C CYS A 45 -5.28 -6.28 4.57
N ARG A 46 -4.28 -7.09 4.85
CA ARG A 46 -4.45 -8.12 5.91
C ARG A 46 -4.52 -7.44 7.29
N SER A 47 -3.78 -6.38 7.49
CA SER A 47 -3.82 -5.68 8.83
C SER A 47 -3.85 -4.17 8.62
N ILE A 48 -4.45 -3.45 9.52
CA ILE A 48 -4.51 -1.96 9.36
C ILE A 48 -3.10 -1.38 9.53
N CYS A 49 -2.44 -1.09 8.45
CA CYS A 49 -1.06 -0.52 8.54
C CYS A 49 -1.13 0.99 8.77
N SER A 50 -0.20 1.52 9.51
CA SER A 50 -0.21 2.99 9.77
C SER A 50 0.36 3.73 8.57
N LEU A 51 0.17 5.02 8.51
CA LEU A 51 0.71 5.81 7.36
C LEU A 51 2.21 5.59 7.24
N TYR A 52 2.87 5.37 8.35
CA TYR A 52 4.35 5.15 8.28
C TYR A 52 4.67 4.12 7.20
N GLN A 53 3.97 3.01 7.21
CA GLN A 53 4.24 1.96 6.18
C GLN A 53 3.79 2.47 4.81
N LEU A 54 2.56 2.90 4.69
CA LEU A 54 2.09 3.40 3.37
C LEU A 54 3.03 4.48 2.88
N GLU A 55 3.53 5.26 3.79
CA GLU A 55 4.47 6.35 3.42
C GLU A 55 5.82 5.74 3.06
N ASN A 56 5.98 4.47 3.31
CA ASN A 56 7.29 3.81 3.01
C ASN A 56 7.41 3.49 1.52
N TYR A 57 6.31 3.40 0.82
CA TYR A 57 6.36 3.08 -0.63
C TYR A 57 6.21 4.35 -1.48
N CYS A 58 5.94 5.46 -0.85
CA CYS A 58 5.78 6.72 -1.62
C CYS A 58 7.09 7.07 -2.32
N GLY A 59 7.21 6.70 -3.56
CA GLY A 59 8.47 6.99 -4.31
C GLY A 59 9.66 6.32 -3.62
N PHE A 1 -9.64 7.00 5.60
CA PHE A 1 -8.29 6.47 5.92
C PHE A 1 -8.24 6.07 7.39
N VAL A 2 -9.36 6.16 8.07
CA VAL A 2 -9.39 5.80 9.52
C VAL A 2 -8.95 4.35 9.72
N ASN A 3 -9.46 3.72 10.74
CA ASN A 3 -9.09 2.31 11.02
C ASN A 3 -9.78 1.39 10.00
N GLN A 4 -9.10 1.05 8.94
CA GLN A 4 -9.72 0.15 7.91
C GLN A 4 -8.61 -0.63 7.19
N HIS A 5 -8.93 -1.78 6.68
CA HIS A 5 -7.89 -2.59 5.96
C HIS A 5 -7.84 -2.15 4.49
N LEU A 6 -6.68 -1.77 4.03
CA LEU A 6 -6.53 -1.32 2.63
C LEU A 6 -6.26 -2.53 1.72
N CYS A 7 -7.14 -2.83 0.80
CA CYS A 7 -6.92 -4.01 -0.11
C CYS A 7 -7.11 -3.59 -1.56
N GLY A 8 -6.11 -3.85 -2.38
CA GLY A 8 -6.20 -3.52 -3.82
C GLY A 8 -6.39 -2.01 -4.02
N SER A 9 -7.22 -1.64 -4.96
CA SER A 9 -7.48 -0.19 -5.25
C SER A 9 -7.53 0.61 -3.95
N HIS A 10 -8.01 0.04 -2.89
CA HIS A 10 -8.07 0.80 -1.62
C HIS A 10 -6.66 1.19 -1.21
N LEU A 11 -5.71 0.31 -1.39
CA LEU A 11 -4.31 0.63 -1.02
C LEU A 11 -3.80 1.76 -1.91
N VAL A 12 -3.89 1.61 -3.19
CA VAL A 12 -3.44 2.69 -4.09
C VAL A 12 -4.17 3.97 -3.71
N GLU A 13 -5.47 3.94 -3.78
CA GLU A 13 -6.27 5.14 -3.44
C GLU A 13 -5.75 5.77 -2.16
N ALA A 14 -5.18 5.00 -1.27
CA ALA A 14 -4.65 5.58 -0.01
C ALA A 14 -3.21 6.07 -0.23
N LEU A 15 -2.31 5.20 -0.59
CA LEU A 15 -0.89 5.63 -0.82
C LEU A 15 -0.88 6.90 -1.68
N TYR A 16 -1.78 6.99 -2.61
CA TYR A 16 -1.82 8.18 -3.49
C TYR A 16 -1.85 9.45 -2.61
N LEU A 17 -2.59 9.43 -1.53
CA LEU A 17 -2.65 10.61 -0.64
C LEU A 17 -1.39 10.64 0.23
N VAL A 18 -1.09 9.54 0.85
CA VAL A 18 0.12 9.48 1.72
C VAL A 18 1.33 10.01 0.93
N CYS A 19 1.57 9.45 -0.22
CA CYS A 19 2.72 9.88 -1.06
C CYS A 19 2.38 11.18 -1.79
N GLY A 20 1.13 11.47 -1.96
CA GLY A 20 0.77 12.73 -2.68
C GLY A 20 1.50 12.74 -4.03
N GLU A 21 2.39 13.66 -4.22
CA GLU A 21 3.15 13.71 -5.51
C GLU A 21 4.36 12.78 -5.46
N ARG A 22 4.83 12.47 -4.27
CA ARG A 22 6.01 11.58 -4.17
C ARG A 22 5.73 10.27 -4.91
N GLY A 23 4.51 9.79 -4.83
CA GLY A 23 4.16 8.52 -5.54
C GLY A 23 4.75 7.31 -4.81
N PHE A 24 4.24 6.15 -5.11
CA PHE A 24 4.73 4.89 -4.47
C PHE A 24 4.82 3.81 -5.56
N PHE A 25 5.34 2.66 -5.26
CA PHE A 25 5.45 1.58 -6.29
C PHE A 25 4.49 0.42 -5.96
N TYR A 26 3.59 0.10 -6.86
CA TYR A 26 2.64 -1.03 -6.62
C TYR A 26 3.06 -2.21 -7.52
N THR A 27 2.48 -3.37 -7.32
CA THR A 27 2.86 -4.52 -8.17
C THR A 27 2.28 -4.29 -9.58
N PRO A 28 2.96 -4.74 -10.62
CA PRO A 28 2.46 -4.57 -11.99
C PRO A 28 1.05 -5.16 -12.11
N ARG A 29 0.96 -6.45 -12.24
CA ARG A 29 -0.37 -7.10 -12.38
C ARG A 29 -0.24 -8.59 -12.07
N THR A 30 0.95 -9.02 -11.73
CA THR A 30 1.15 -10.47 -11.40
C THR A 30 0.92 -10.69 -9.91
N GLU A 31 0.04 -11.60 -9.57
CA GLU A 31 -0.23 -11.88 -8.13
C GLU A 31 0.86 -12.79 -7.58
N GLU A 32 1.79 -13.20 -8.41
CA GLU A 32 2.88 -14.09 -7.92
C GLU A 32 3.55 -13.43 -6.72
N GLY A 33 3.91 -12.18 -6.86
CA GLY A 33 4.57 -11.46 -5.74
C GLY A 33 5.88 -12.15 -5.36
N SER A 34 6.87 -11.38 -5.01
CA SER A 34 8.19 -11.96 -4.61
C SER A 34 8.39 -11.75 -3.12
N ARG A 35 9.25 -10.84 -2.75
CA ARG A 35 9.50 -10.56 -1.31
C ARG A 35 8.58 -9.42 -0.86
N ARG A 36 8.65 -8.30 -1.52
CA ARG A 36 7.77 -7.16 -1.14
C ARG A 36 6.32 -7.56 -1.35
N SER A 37 5.52 -6.68 -1.90
CA SER A 37 4.08 -6.99 -2.14
C SER A 37 3.41 -7.44 -0.83
N ARG A 38 3.63 -8.66 -0.42
CA ARG A 38 3.00 -9.12 0.85
C ARG A 38 3.46 -8.21 1.98
N GLY A 39 4.48 -7.43 1.75
CA GLY A 39 4.97 -6.50 2.81
C GLY A 39 4.11 -5.23 2.77
N ILE A 40 3.65 -4.86 1.60
CA ILE A 40 2.81 -3.62 1.48
C ILE A 40 1.31 -4.00 1.38
N VAL A 41 0.96 -4.90 0.49
CA VAL A 41 -0.50 -5.26 0.34
C VAL A 41 -1.00 -6.02 1.57
N GLU A 42 -0.50 -7.18 1.83
CA GLU A 42 -1.00 -7.95 3.00
C GLU A 42 -0.82 -7.14 4.28
N GLN A 43 0.36 -6.68 4.55
CA GLN A 43 0.59 -5.89 5.80
C GLN A 43 -0.56 -4.88 6.02
N CYS A 44 -0.91 -4.15 5.00
CA CYS A 44 -2.02 -3.17 5.15
C CYS A 44 -3.37 -3.86 4.96
N CYS A 45 -3.52 -4.61 3.90
CA CYS A 45 -4.81 -5.32 3.64
C CYS A 45 -5.10 -6.31 4.77
N ARG A 46 -4.18 -7.19 5.08
CA ARG A 46 -4.45 -8.18 6.16
C ARG A 46 -4.49 -7.46 7.52
N SER A 47 -3.62 -6.51 7.73
CA SER A 47 -3.61 -5.78 9.04
C SER A 47 -3.70 -4.28 8.78
N ILE A 48 -4.38 -3.57 9.64
CA ILE A 48 -4.50 -2.09 9.44
C ILE A 48 -3.13 -1.44 9.68
N CYS A 49 -2.42 -1.14 8.62
CA CYS A 49 -1.09 -0.50 8.76
C CYS A 49 -1.25 1.01 8.93
N SER A 50 -0.43 1.62 9.73
CA SER A 50 -0.54 3.09 9.95
C SER A 50 -0.03 3.83 8.72
N LEU A 51 -0.39 5.08 8.58
CA LEU A 51 0.08 5.87 7.39
C LEU A 51 1.61 5.83 7.34
N TYR A 52 2.26 5.81 8.48
CA TYR A 52 3.75 5.77 8.47
C TYR A 52 4.23 4.67 7.52
N GLN A 53 3.74 3.47 7.69
CA GLN A 53 4.14 2.36 6.79
C GLN A 53 3.78 2.74 5.35
N LEU A 54 2.56 3.12 5.11
CA LEU A 54 2.17 3.52 3.74
C LEU A 54 3.10 4.63 3.27
N GLU A 55 3.54 5.42 4.21
CA GLU A 55 4.47 6.54 3.87
C GLU A 55 5.86 5.97 3.63
N ASN A 56 6.05 4.71 3.91
CA ASN A 56 7.40 4.09 3.73
C ASN A 56 7.63 3.73 2.26
N TYR A 57 6.59 3.55 1.49
CA TYR A 57 6.75 3.16 0.06
C TYR A 57 6.61 4.39 -0.84
N CYS A 58 6.23 5.50 -0.27
CA CYS A 58 6.07 6.74 -1.07
C CYS A 58 7.41 7.12 -1.70
N GLY A 59 7.64 6.69 -2.91
CA GLY A 59 8.93 7.02 -3.60
C GLY A 59 9.15 8.54 -3.57
N PHE A 1 -8.40 8.42 6.26
CA PHE A 1 -7.54 7.55 7.11
C PHE A 1 -8.09 7.51 8.54
N VAL A 2 -8.29 6.34 9.07
CA VAL A 2 -8.81 6.21 10.46
C VAL A 2 -8.29 4.90 11.06
N ASN A 3 -9.15 3.92 11.16
CA ASN A 3 -8.73 2.60 11.73
C ASN A 3 -9.40 1.48 10.93
N GLN A 4 -8.86 1.15 9.78
CA GLN A 4 -9.48 0.08 8.96
C GLN A 4 -8.39 -0.62 8.12
N HIS A 5 -8.71 -1.74 7.54
CA HIS A 5 -7.71 -2.48 6.72
C HIS A 5 -7.84 -2.03 5.25
N LEU A 6 -6.76 -1.62 4.65
CA LEU A 6 -6.81 -1.17 3.23
C LEU A 6 -6.66 -2.38 2.31
N CYS A 7 -7.66 -2.69 1.52
CA CYS A 7 -7.56 -3.87 0.60
C CYS A 7 -7.90 -3.47 -0.83
N GLY A 8 -6.99 -3.75 -1.74
CA GLY A 8 -7.22 -3.43 -3.18
C GLY A 8 -7.41 -1.93 -3.37
N SER A 9 -8.36 -1.55 -4.19
CA SER A 9 -8.62 -0.11 -4.46
C SER A 9 -8.54 0.70 -3.16
N HIS A 10 -8.90 0.12 -2.06
CA HIS A 10 -8.83 0.88 -0.78
C HIS A 10 -7.38 1.27 -0.50
N LEU A 11 -6.46 0.43 -0.89
CA LEU A 11 -5.02 0.74 -0.66
C LEU A 11 -4.59 1.84 -1.64
N VAL A 12 -4.83 1.65 -2.90
CA VAL A 12 -4.46 2.70 -3.87
C VAL A 12 -5.13 4.00 -3.46
N GLU A 13 -6.43 3.99 -3.40
CA GLU A 13 -7.18 5.21 -3.01
C GLU A 13 -6.51 5.88 -1.81
N ALA A 14 -5.86 5.12 -0.97
CA ALA A 14 -5.19 5.75 0.21
C ALA A 14 -3.78 6.22 -0.17
N LEU A 15 -2.94 5.31 -0.61
CA LEU A 15 -1.56 5.71 -0.99
C LEU A 15 -1.60 6.95 -1.89
N TYR A 16 -2.59 7.03 -2.72
CA TYR A 16 -2.71 8.21 -3.64
C TYR A 16 -2.62 9.49 -2.79
N LEU A 17 -3.25 9.51 -1.65
CA LEU A 17 -3.19 10.72 -0.79
C LEU A 17 -1.85 10.75 -0.07
N VAL A 18 -1.49 9.66 0.55
CA VAL A 18 -0.19 9.59 1.28
C VAL A 18 0.92 10.09 0.35
N CYS A 19 1.03 9.50 -0.80
CA CYS A 19 2.09 9.90 -1.77
C CYS A 19 1.69 11.16 -2.51
N GLY A 20 0.42 11.45 -2.58
CA GLY A 20 -0.02 12.67 -3.32
C GLY A 20 0.65 12.67 -4.70
N GLU A 21 1.57 13.56 -4.92
CA GLU A 21 2.26 13.61 -6.24
C GLU A 21 3.43 12.62 -6.28
N ARG A 22 3.99 12.29 -5.14
CA ARG A 22 5.12 11.33 -5.14
C ARG A 22 4.71 10.05 -5.86
N GLY A 23 3.50 9.62 -5.66
CA GLY A 23 3.04 8.37 -6.34
C GLY A 23 3.67 7.16 -5.64
N PHE A 24 3.11 5.99 -5.84
CA PHE A 24 3.65 4.75 -5.22
C PHE A 24 3.60 3.63 -6.27
N PHE A 25 4.16 2.49 -5.98
CA PHE A 25 4.14 1.37 -6.97
C PHE A 25 3.13 0.29 -6.53
N TYR A 26 2.25 -0.10 -7.42
CA TYR A 26 1.23 -1.16 -7.08
C TYR A 26 1.47 -2.40 -7.96
N THR A 27 1.65 -3.56 -7.35
CA THR A 27 1.89 -4.83 -8.13
C THR A 27 2.60 -4.54 -9.47
N PRO A 28 3.91 -4.44 -9.45
CA PRO A 28 4.69 -4.14 -10.67
C PRO A 28 4.78 -5.40 -11.54
N ARG A 29 4.37 -6.53 -11.03
CA ARG A 29 4.43 -7.78 -11.82
C ARG A 29 3.69 -8.89 -11.07
N THR A 30 2.78 -8.54 -10.21
CA THR A 30 2.03 -9.57 -9.44
C THR A 30 3.01 -10.42 -8.62
N GLU A 31 2.55 -11.05 -7.58
CA GLU A 31 3.46 -11.89 -6.76
C GLU A 31 3.84 -13.13 -7.57
N GLU A 32 3.56 -13.11 -8.84
CA GLU A 32 3.88 -14.26 -9.71
C GLU A 32 5.37 -14.26 -10.04
N GLY A 33 6.00 -13.11 -10.00
CA GLY A 33 7.45 -13.03 -10.32
C GLY A 33 8.27 -13.09 -9.02
N SER A 34 8.99 -12.05 -8.71
CA SER A 34 9.81 -12.05 -7.47
C SER A 34 8.91 -12.24 -6.25
N ARG A 35 8.86 -11.27 -5.37
CA ARG A 35 7.98 -11.38 -4.16
C ARG A 35 7.34 -10.03 -3.85
N ARG A 36 7.84 -9.36 -2.84
CA ARG A 36 7.27 -8.02 -2.46
C ARG A 36 5.75 -8.08 -2.53
N SER A 37 5.11 -6.96 -2.81
CA SER A 37 3.62 -6.92 -2.89
C SER A 37 2.98 -7.36 -1.58
N ARG A 38 3.15 -8.59 -1.19
CA ARG A 38 2.56 -9.05 0.09
C ARG A 38 3.08 -8.18 1.23
N GLY A 39 4.09 -7.40 0.95
CA GLY A 39 4.63 -6.51 2.00
C GLY A 39 3.78 -5.25 2.09
N ILE A 40 3.16 -4.86 0.99
CA ILE A 40 2.31 -3.62 0.98
C ILE A 40 0.80 -4.00 1.07
N VAL A 41 0.31 -4.85 0.20
CA VAL A 41 -1.15 -5.19 0.26
C VAL A 41 -1.49 -5.97 1.54
N GLU A 42 -0.97 -7.15 1.71
CA GLU A 42 -1.30 -7.94 2.93
C GLU A 42 -0.95 -7.13 4.18
N GLN A 43 0.22 -6.57 4.25
CA GLN A 43 0.59 -5.79 5.47
C GLN A 43 -0.55 -4.83 5.83
N CYS A 44 -0.96 -4.00 4.92
CA CYS A 44 -2.05 -3.03 5.21
C CYS A 44 -3.41 -3.75 5.18
N CYS A 45 -3.70 -4.45 4.13
CA CYS A 45 -5.00 -5.18 4.04
C CYS A 45 -5.12 -6.17 5.20
N ARG A 46 -4.14 -7.03 5.35
CA ARG A 46 -4.20 -8.04 6.45
C ARG A 46 -4.12 -7.35 7.81
N SER A 47 -3.35 -6.29 7.94
CA SER A 47 -3.24 -5.58 9.26
C SER A 47 -3.36 -4.07 9.04
N ILE A 48 -3.95 -3.37 9.95
CA ILE A 48 -4.09 -1.89 9.77
C ILE A 48 -2.72 -1.23 9.85
N CYS A 49 -2.13 -0.93 8.73
CA CYS A 49 -0.79 -0.29 8.73
C CYS A 49 -0.94 1.23 8.89
N SER A 50 0.02 1.88 9.49
CA SER A 50 -0.08 3.35 9.68
C SER A 50 0.51 4.08 8.47
N LEU A 51 0.25 5.36 8.36
CA LEU A 51 0.79 6.14 7.21
C LEU A 51 2.30 5.92 7.09
N TYR A 52 2.96 5.76 8.20
CA TYR A 52 4.44 5.54 8.16
C TYR A 52 4.77 4.47 7.11
N GLN A 53 4.01 3.41 7.08
CA GLN A 53 4.28 2.33 6.09
C GLN A 53 3.77 2.75 4.71
N LEU A 54 2.53 3.16 4.61
CA LEU A 54 2.01 3.58 3.29
C LEU A 54 2.93 4.64 2.70
N GLU A 55 3.40 5.50 3.55
CA GLU A 55 4.32 6.59 3.08
C GLU A 55 5.66 5.98 2.70
N ASN A 56 5.86 4.73 3.00
CA ASN A 56 7.17 4.08 2.68
C ASN A 56 7.24 3.69 1.20
N TYR A 57 6.12 3.55 0.55
CA TYR A 57 6.12 3.14 -0.89
C TYR A 57 5.91 4.36 -1.78
N CYS A 58 5.61 5.49 -1.20
CA CYS A 58 5.39 6.70 -2.02
C CYS A 58 6.67 7.03 -2.79
N GLY A 59 6.75 6.58 -4.01
CA GLY A 59 7.96 6.87 -4.83
C GLY A 59 9.15 6.09 -4.27
N PHE A 1 -6.52 9.27 6.62
CA PHE A 1 -7.80 8.51 6.73
C PHE A 1 -7.87 7.82 8.10
N VAL A 2 -8.98 7.24 8.43
CA VAL A 2 -9.12 6.56 9.75
C VAL A 2 -8.10 5.42 9.85
N ASN A 3 -8.50 4.32 10.44
CA ASN A 3 -7.56 3.16 10.59
C ASN A 3 -8.31 1.86 10.28
N GLN A 4 -7.98 1.22 9.19
CA GLN A 4 -8.67 -0.04 8.82
C GLN A 4 -7.77 -0.85 7.89
N HIS A 5 -8.20 -2.02 7.50
CA HIS A 5 -7.36 -2.85 6.59
C HIS A 5 -7.48 -2.32 5.15
N LEU A 6 -6.40 -1.86 4.59
CA LEU A 6 -6.43 -1.34 3.19
C LEU A 6 -6.22 -2.51 2.22
N CYS A 7 -7.19 -2.80 1.39
CA CYS A 7 -7.04 -3.93 0.42
C CYS A 7 -7.37 -3.46 -1.00
N GLY A 8 -6.45 -3.65 -1.90
CA GLY A 8 -6.68 -3.25 -3.32
C GLY A 8 -6.87 -1.73 -3.43
N SER A 9 -7.82 -1.33 -4.22
CA SER A 9 -8.08 0.14 -4.42
C SER A 9 -8.00 0.88 -3.08
N HIS A 10 -8.43 0.27 -2.01
CA HIS A 10 -8.36 0.96 -0.70
C HIS A 10 -6.92 1.33 -0.41
N LEU A 11 -6.00 0.50 -0.81
CA LEU A 11 -4.56 0.81 -0.56
C LEU A 11 -4.14 1.95 -1.48
N VAL A 12 -4.38 1.82 -2.75
CA VAL A 12 -4.01 2.91 -3.68
C VAL A 12 -4.74 4.17 -3.24
N GLU A 13 -6.04 4.10 -3.21
CA GLU A 13 -6.84 5.29 -2.80
C GLU A 13 -6.23 5.92 -1.55
N ALA A 14 -5.58 5.15 -0.72
CA ALA A 14 -4.96 5.72 0.50
C ALA A 14 -3.56 6.24 0.18
N LEU A 15 -2.67 5.38 -0.27
CA LEU A 15 -1.28 5.85 -0.59
C LEU A 15 -1.36 7.12 -1.43
N TYR A 16 -2.32 7.20 -2.30
CA TYR A 16 -2.44 8.41 -3.16
C TYR A 16 -2.42 9.65 -2.27
N LEU A 17 -3.09 9.63 -1.16
CA LEU A 17 -3.11 10.80 -0.25
C LEU A 17 -1.78 10.85 0.52
N VAL A 18 -1.42 9.76 1.12
CA VAL A 18 -0.14 9.71 1.88
C VAL A 18 0.99 10.25 1.01
N CYS A 19 1.14 9.69 -0.16
CA CYS A 19 2.22 10.14 -1.08
C CYS A 19 1.81 11.43 -1.80
N GLY A 20 0.55 11.70 -1.90
CA GLY A 20 0.11 12.93 -2.60
C GLY A 20 0.75 12.96 -3.99
N GLU A 21 1.63 13.91 -4.24
CA GLU A 21 2.29 13.97 -5.57
C GLU A 21 3.52 13.06 -5.60
N ARG A 22 4.08 12.76 -4.47
CA ARG A 22 5.28 11.87 -4.46
C ARG A 22 4.95 10.56 -5.19
N GLY A 23 3.76 10.07 -5.03
CA GLY A 23 3.38 8.81 -5.72
C GLY A 23 4.04 7.61 -5.03
N PHE A 24 3.53 6.43 -5.28
CA PHE A 24 4.11 5.18 -4.67
C PHE A 24 4.14 4.11 -5.76
N PHE A 25 4.73 2.97 -5.49
CA PHE A 25 4.80 1.89 -6.53
C PHE A 25 3.84 0.74 -6.16
N TYR A 26 2.95 0.38 -7.06
CA TYR A 26 1.99 -0.74 -6.79
C TYR A 26 2.43 -1.95 -7.65
N THR A 27 1.83 -3.11 -7.44
CA THR A 27 2.22 -4.32 -8.24
C THR A 27 2.49 -3.90 -9.72
N PRO A 28 3.72 -3.99 -10.19
CA PRO A 28 4.03 -3.58 -11.58
C PRO A 28 3.41 -4.56 -12.58
N ARG A 29 2.63 -5.50 -12.12
CA ARG A 29 2.01 -6.46 -13.06
C ARG A 29 1.05 -7.40 -12.31
N THR A 30 1.50 -8.00 -11.25
CA THR A 30 0.60 -8.93 -10.50
C THR A 30 1.33 -9.48 -9.27
N GLU A 31 0.77 -9.28 -8.10
CA GLU A 31 1.42 -9.81 -6.87
C GLU A 31 1.37 -11.35 -6.93
N GLU A 32 0.71 -11.88 -7.91
CA GLU A 32 0.61 -13.36 -8.04
C GLU A 32 1.85 -13.90 -8.74
N GLY A 33 2.46 -13.11 -9.57
CA GLY A 33 3.68 -13.55 -10.30
C GLY A 33 4.74 -14.00 -9.30
N SER A 34 5.79 -13.24 -9.15
CA SER A 34 6.87 -13.63 -8.19
C SER A 34 6.45 -13.31 -6.75
N ARG A 35 7.36 -12.79 -5.97
CA ARG A 35 7.03 -12.45 -4.55
C ARG A 35 6.71 -10.96 -4.45
N ARG A 36 7.46 -10.23 -3.68
CA ARG A 36 7.19 -8.77 -3.54
C ARG A 36 5.71 -8.53 -3.29
N SER A 37 5.32 -7.28 -3.29
CA SER A 37 3.88 -6.90 -3.06
C SER A 37 3.36 -7.41 -1.72
N ARG A 38 3.93 -8.44 -1.17
CA ARG A 38 3.44 -8.94 0.15
C ARG A 38 3.92 -8.00 1.26
N GLY A 39 4.83 -7.13 0.93
CA GLY A 39 5.35 -6.18 1.96
C GLY A 39 4.42 -4.99 2.09
N ILE A 40 3.79 -4.57 1.01
CA ILE A 40 2.87 -3.39 1.06
C ILE A 40 1.39 -3.83 1.11
N VAL A 41 0.94 -4.66 0.20
CA VAL A 41 -0.49 -5.06 0.21
C VAL A 41 -0.84 -5.89 1.45
N GLU A 42 -0.25 -7.05 1.59
CA GLU A 42 -0.59 -7.91 2.77
C GLU A 42 -0.36 -7.15 4.08
N GLN A 43 0.79 -6.56 4.27
CA GLN A 43 1.04 -5.82 5.55
C GLN A 43 -0.14 -4.90 5.87
N CYS A 44 -0.54 -4.07 4.94
CA CYS A 44 -1.68 -3.15 5.20
C CYS A 44 -3.01 -3.90 5.09
N CYS A 45 -3.23 -4.56 4.00
CA CYS A 45 -4.50 -5.33 3.83
C CYS A 45 -4.62 -6.39 4.94
N ARG A 46 -3.62 -7.20 5.10
CA ARG A 46 -3.68 -8.27 6.15
C ARG A 46 -3.69 -7.63 7.55
N SER A 47 -2.97 -6.54 7.74
CA SER A 47 -2.94 -5.89 9.10
C SER A 47 -3.07 -4.38 8.92
N ILE A 48 -3.69 -3.71 9.86
CA ILE A 48 -3.85 -2.23 9.74
C ILE A 48 -2.49 -1.57 9.87
N CYS A 49 -1.88 -1.21 8.76
CA CYS A 49 -0.55 -0.54 8.83
C CYS A 49 -0.74 0.97 9.02
N SER A 50 0.07 1.57 9.85
CA SER A 50 -0.08 3.03 10.10
C SER A 50 0.35 3.81 8.85
N LEU A 51 -0.02 5.06 8.76
CA LEU A 51 0.36 5.87 7.57
C LEU A 51 1.89 5.85 7.45
N TYR A 52 2.58 5.75 8.56
CA TYR A 52 4.06 5.74 8.51
C TYR A 52 4.52 4.71 7.46
N GLN A 53 4.03 3.51 7.55
CA GLN A 53 4.43 2.46 6.56
C GLN A 53 3.98 2.90 5.16
N LEU A 54 2.73 3.26 5.03
CA LEU A 54 2.23 3.71 3.70
C LEU A 54 3.13 4.83 3.19
N GLU A 55 3.56 5.66 4.08
CA GLU A 55 4.45 6.79 3.70
C GLU A 55 5.83 6.25 3.32
N ASN A 56 6.06 4.99 3.57
CA ASN A 56 7.40 4.39 3.28
C ASN A 56 7.52 4.06 1.78
N TYR A 57 6.42 3.89 1.10
CA TYR A 57 6.49 3.54 -0.36
C TYR A 57 6.25 4.80 -1.21
N CYS A 58 5.89 5.88 -0.60
CA CYS A 58 5.65 7.12 -1.37
C CYS A 58 6.93 7.52 -2.10
N GLY A 59 7.08 7.09 -3.31
CA GLY A 59 8.31 7.44 -4.09
C GLY A 59 8.22 6.83 -5.49
N PHE A 1 -5.41 7.09 8.32
CA PHE A 1 -6.82 7.46 8.02
C PHE A 1 -7.74 6.68 8.95
N VAL A 2 -8.50 7.38 9.77
CA VAL A 2 -9.44 6.72 10.74
C VAL A 2 -8.88 5.37 11.22
N ASN A 3 -9.25 4.29 10.58
CA ASN A 3 -8.72 2.96 11.00
C ASN A 3 -9.49 1.87 10.24
N GLN A 4 -9.02 1.50 9.08
CA GLN A 4 -9.71 0.45 8.28
C GLN A 4 -8.68 -0.37 7.49
N HIS A 5 -9.08 -1.51 6.98
CA HIS A 5 -8.15 -2.34 6.18
C HIS A 5 -8.12 -1.83 4.74
N LEU A 6 -6.95 -1.61 4.20
CA LEU A 6 -6.86 -1.10 2.79
C LEU A 6 -6.75 -2.28 1.82
N CYS A 7 -7.71 -2.47 0.96
CA CYS A 7 -7.63 -3.59 -0.03
C CYS A 7 -7.94 -3.06 -1.44
N GLY A 8 -7.03 -3.28 -2.35
CA GLY A 8 -7.23 -2.82 -3.75
C GLY A 8 -7.29 -1.30 -3.82
N SER A 9 -8.19 -0.77 -4.60
CA SER A 9 -8.31 0.71 -4.75
C SER A 9 -8.16 1.41 -3.39
N HIS A 10 -8.63 0.81 -2.34
CA HIS A 10 -8.50 1.46 -1.01
C HIS A 10 -7.02 1.68 -0.72
N LEU A 11 -6.19 0.77 -1.13
CA LEU A 11 -4.73 0.92 -0.87
C LEU A 11 -4.20 2.06 -1.74
N VAL A 12 -4.46 2.01 -3.02
CA VAL A 12 -4.00 3.10 -3.90
C VAL A 12 -4.60 4.41 -3.40
N GLU A 13 -5.90 4.48 -3.39
CA GLU A 13 -6.59 5.72 -2.92
C GLU A 13 -5.91 6.25 -1.66
N ALA A 14 -5.36 5.37 -0.86
CA ALA A 14 -4.68 5.84 0.39
C ALA A 14 -3.23 6.26 0.07
N LEU A 15 -2.43 5.34 -0.41
CA LEU A 15 -1.02 5.69 -0.73
C LEU A 15 -0.97 7.00 -1.52
N TYR A 16 -1.93 7.21 -2.37
CA TYR A 16 -1.96 8.46 -3.18
C TYR A 16 -1.82 9.66 -2.23
N LEU A 17 -2.47 9.62 -1.10
CA LEU A 17 -2.38 10.75 -0.13
C LEU A 17 -1.05 10.64 0.63
N VAL A 18 -0.78 9.49 1.16
CA VAL A 18 0.49 9.29 1.91
C VAL A 18 1.67 9.78 1.06
N CYS A 19 1.79 9.28 -0.14
CA CYS A 19 2.91 9.68 -1.02
C CYS A 19 2.64 11.05 -1.64
N GLY A 20 1.41 11.45 -1.70
CA GLY A 20 1.09 12.78 -2.31
C GLY A 20 1.74 12.84 -3.70
N GLU A 21 2.73 13.68 -3.86
CA GLU A 21 3.41 13.78 -5.19
C GLU A 21 4.51 12.72 -5.30
N ARG A 22 5.04 12.29 -4.20
CA ARG A 22 6.12 11.25 -4.25
C ARG A 22 5.63 10.05 -5.06
N GLY A 23 4.39 9.68 -4.91
CA GLY A 23 3.86 8.53 -5.69
C GLY A 23 4.41 7.21 -5.10
N PHE A 24 3.79 6.11 -5.42
CA PHE A 24 4.25 4.78 -4.91
C PHE A 24 4.16 3.77 -6.05
N PHE A 25 4.64 2.58 -5.85
CA PHE A 25 4.59 1.55 -6.94
C PHE A 25 3.62 0.43 -6.55
N TYR A 26 2.61 0.19 -7.34
CA TYR A 26 1.63 -0.91 -7.02
C TYR A 26 1.96 -2.12 -7.88
N THR A 27 2.50 -3.16 -7.27
CA THR A 27 2.87 -4.42 -8.00
C THR A 27 2.12 -4.54 -9.35
N PRO A 28 2.68 -3.95 -10.39
CA PRO A 28 2.01 -3.99 -11.70
C PRO A 28 1.92 -5.44 -12.17
N ARG A 29 0.78 -6.05 -11.98
CA ARG A 29 0.56 -7.46 -12.45
C ARG A 29 1.52 -8.44 -11.77
N THR A 30 2.72 -8.01 -11.54
CA THR A 30 3.74 -8.90 -10.91
C THR A 30 3.21 -9.48 -9.60
N GLU A 31 2.49 -10.57 -9.67
CA GLU A 31 1.95 -11.20 -8.43
C GLU A 31 2.93 -12.28 -7.96
N GLU A 32 4.05 -12.41 -8.62
CA GLU A 32 5.06 -13.44 -8.23
C GLU A 32 5.99 -12.88 -7.15
N GLY A 33 6.11 -11.58 -7.08
CA GLY A 33 7.01 -10.95 -6.07
C GLY A 33 6.89 -11.66 -4.72
N SER A 34 7.93 -11.66 -3.94
CA SER A 34 7.90 -12.34 -2.61
C SER A 34 7.68 -11.31 -1.50
N ARG A 35 8.70 -10.55 -1.19
CA ARG A 35 8.56 -9.54 -0.11
C ARG A 35 7.49 -8.50 -0.49
N ARG A 36 7.64 -7.86 -1.61
CA ARG A 36 6.65 -6.83 -2.02
C ARG A 36 5.25 -7.45 -2.10
N SER A 37 4.36 -6.77 -2.77
CA SER A 37 2.95 -7.28 -2.91
C SER A 37 2.41 -7.73 -1.55
N ARG A 38 2.64 -8.96 -1.18
CA ARG A 38 2.11 -9.43 0.13
C ARG A 38 2.68 -8.56 1.24
N GLY A 39 3.72 -7.83 0.95
CA GLY A 39 4.31 -6.94 1.98
C GLY A 39 3.51 -5.64 2.00
N ILE A 40 2.97 -5.24 0.88
CA ILE A 40 2.18 -3.97 0.80
C ILE A 40 0.67 -4.29 0.81
N VAL A 41 0.20 -5.16 -0.05
CA VAL A 41 -1.28 -5.45 -0.09
C VAL A 41 -1.72 -6.20 1.17
N GLU A 42 -1.26 -7.40 1.37
CA GLU A 42 -1.71 -8.18 2.57
C GLU A 42 -1.38 -7.42 3.85
N GLN A 43 -0.17 -6.94 4.00
CA GLN A 43 0.20 -6.20 5.24
C GLN A 43 -0.89 -5.16 5.57
N CYS A 44 -1.28 -4.38 4.60
CA CYS A 44 -2.32 -3.34 4.84
C CYS A 44 -3.72 -3.95 4.71
N CYS A 45 -3.99 -4.62 3.63
CA CYS A 45 -5.33 -5.25 3.45
C CYS A 45 -5.58 -6.29 4.55
N ARG A 46 -4.63 -7.15 4.79
CA ARG A 46 -4.84 -8.18 5.86
C ARG A 46 -4.91 -7.49 7.23
N SER A 47 -4.10 -6.48 7.45
CA SER A 47 -4.14 -5.78 8.78
C SER A 47 -4.03 -4.27 8.57
N ILE A 48 -4.56 -3.48 9.47
CA ILE A 48 -4.48 -2.01 9.31
C ILE A 48 -3.02 -1.57 9.47
N CYS A 49 -2.33 -1.35 8.38
CA CYS A 49 -0.91 -0.90 8.48
C CYS A 49 -0.88 0.61 8.74
N SER A 50 0.02 1.06 9.56
CA SER A 50 0.10 2.51 9.86
C SER A 50 0.60 3.28 8.64
N LEU A 51 0.33 4.55 8.59
CA LEU A 51 0.79 5.36 7.43
C LEU A 51 2.29 5.17 7.24
N TYR A 52 3.01 4.96 8.31
CA TYR A 52 4.48 4.76 8.21
C TYR A 52 4.77 3.71 7.13
N GLN A 53 4.14 2.57 7.22
CA GLN A 53 4.37 1.51 6.20
C GLN A 53 3.93 2.02 4.83
N LEU A 54 2.73 2.52 4.73
CA LEU A 54 2.26 3.04 3.41
C LEU A 54 3.24 4.09 2.93
N GLU A 55 3.80 4.81 3.86
CA GLU A 55 4.80 5.86 3.51
C GLU A 55 6.11 5.20 3.12
N ASN A 56 6.21 3.91 3.31
CA ASN A 56 7.48 3.19 2.98
C ASN A 56 7.57 2.91 1.48
N TYR A 57 6.45 2.89 0.80
CA TYR A 57 6.47 2.59 -0.67
C TYR A 57 6.36 3.89 -1.47
N CYS A 58 6.12 4.99 -0.81
CA CYS A 58 6.01 6.28 -1.52
C CYS A 58 7.33 6.59 -2.24
N GLY A 59 7.39 6.26 -3.50
CA GLY A 59 8.65 6.52 -4.27
C GLY A 59 8.34 6.51 -5.77
N PHE A 1 -6.31 9.11 6.74
CA PHE A 1 -7.56 8.29 6.87
C PHE A 1 -7.49 7.47 8.16
N VAL A 2 -8.61 7.15 8.73
CA VAL A 2 -8.61 6.35 9.99
C VAL A 2 -7.82 5.07 9.80
N ASN A 3 -7.87 4.18 10.75
CA ASN A 3 -7.13 2.89 10.64
C ASN A 3 -8.07 1.82 10.10
N GLN A 4 -7.83 1.34 8.91
CA GLN A 4 -8.72 0.30 8.32
C GLN A 4 -7.92 -0.56 7.34
N HIS A 5 -8.45 -1.70 6.97
CA HIS A 5 -7.72 -2.58 6.03
C HIS A 5 -7.75 -1.97 4.63
N LEU A 6 -6.64 -2.00 3.95
CA LEU A 6 -6.56 -1.42 2.57
C LEU A 6 -6.32 -2.54 1.56
N CYS A 7 -7.24 -2.78 0.66
CA CYS A 7 -7.06 -3.85 -0.36
C CYS A 7 -7.32 -3.29 -1.76
N GLY A 8 -6.37 -3.45 -2.64
CA GLY A 8 -6.53 -2.95 -4.04
C GLY A 8 -6.72 -1.43 -4.06
N SER A 9 -7.66 -0.97 -4.86
CA SER A 9 -7.90 0.50 -4.97
C SER A 9 -7.86 1.16 -3.59
N HIS A 10 -8.32 0.48 -2.57
CA HIS A 10 -8.29 1.09 -1.22
C HIS A 10 -6.84 1.43 -0.86
N LEU A 11 -5.93 0.59 -1.27
CA LEU A 11 -4.49 0.86 -0.95
C LEU A 11 -4.03 2.04 -1.79
N VAL A 12 -4.29 2.00 -3.06
CA VAL A 12 -3.90 3.13 -3.93
C VAL A 12 -4.60 4.39 -3.43
N GLU A 13 -5.89 4.37 -3.44
CA GLU A 13 -6.66 5.55 -2.97
C GLU A 13 -6.06 6.09 -1.68
N ALA A 14 -5.46 5.25 -0.88
CA ALA A 14 -4.85 5.73 0.39
C ALA A 14 -3.43 6.25 0.13
N LEU A 15 -2.55 5.41 -0.34
CA LEU A 15 -1.15 5.86 -0.61
C LEU A 15 -1.18 7.18 -1.38
N TYR A 16 -2.12 7.33 -2.26
CA TYR A 16 -2.20 8.59 -3.06
C TYR A 16 -2.18 9.78 -2.09
N LEU A 17 -2.85 9.68 -0.98
CA LEU A 17 -2.86 10.81 0.00
C LEU A 17 -1.55 10.77 0.79
N VAL A 18 -1.23 9.63 1.32
CA VAL A 18 0.03 9.50 2.11
C VAL A 18 1.20 10.09 1.30
N CYS A 19 1.38 9.60 0.11
CA CYS A 19 2.49 10.11 -0.75
C CYS A 19 2.10 11.44 -1.40
N GLY A 20 0.83 11.70 -1.51
CA GLY A 20 0.40 12.98 -2.14
C GLY A 20 1.06 13.09 -3.52
N GLU A 21 1.91 14.06 -3.71
CA GLU A 21 2.59 14.22 -5.02
C GLU A 21 3.83 13.31 -5.07
N ARG A 22 4.35 12.94 -3.95
CA ARG A 22 5.55 12.05 -3.93
C ARG A 22 5.26 10.80 -4.77
N GLY A 23 4.06 10.29 -4.68
CA GLY A 23 3.71 9.08 -5.47
C GLY A 23 4.34 7.82 -4.85
N PHE A 24 3.82 6.67 -5.17
CA PHE A 24 4.37 5.39 -4.62
C PHE A 24 4.40 4.37 -5.77
N PHE A 25 4.98 3.21 -5.55
CA PHE A 25 5.04 2.18 -6.63
C PHE A 25 4.11 1.01 -6.28
N TYR A 26 3.19 0.67 -7.13
CA TYR A 26 2.28 -0.48 -6.83
C TYR A 26 2.82 -1.74 -7.52
N THR A 27 2.41 -2.89 -7.08
CA THR A 27 2.91 -4.14 -7.73
C THR A 27 2.37 -4.19 -9.18
N PRO A 28 3.22 -4.52 -10.15
CA PRO A 28 2.76 -4.59 -11.55
C PRO A 28 1.76 -5.73 -11.69
N ARG A 29 0.58 -5.45 -12.15
CA ARG A 29 -0.43 -6.52 -12.36
C ARG A 29 -0.57 -7.36 -11.08
N THR A 30 0.34 -8.27 -10.84
CA THR A 30 0.22 -9.12 -9.60
C THR A 30 1.53 -9.89 -9.39
N GLU A 31 2.48 -9.31 -8.71
CA GLU A 31 3.74 -10.06 -8.47
C GLU A 31 3.51 -11.04 -7.32
N GLU A 32 2.30 -11.50 -7.16
CA GLU A 32 1.98 -12.46 -6.06
C GLU A 32 3.08 -13.52 -5.96
N GLY A 33 3.77 -13.75 -7.04
CA GLY A 33 4.87 -14.76 -7.01
C GLY A 33 5.94 -14.32 -6.02
N SER A 34 6.85 -13.49 -6.46
CA SER A 34 7.93 -13.01 -5.57
C SER A 34 7.32 -12.39 -4.31
N ARG A 35 8.12 -11.68 -3.56
CA ARG A 35 7.62 -11.03 -2.31
C ARG A 35 7.11 -9.62 -2.63
N ARG A 36 7.82 -8.61 -2.20
CA ARG A 36 7.43 -7.21 -2.45
C ARG A 36 5.93 -7.00 -2.19
N SER A 37 5.13 -7.29 -3.16
CA SER A 37 3.65 -7.11 -3.02
C SER A 37 3.18 -7.52 -1.62
N ARG A 38 3.56 -8.67 -1.15
CA ARG A 38 3.11 -9.10 0.21
C ARG A 38 3.58 -8.09 1.26
N GLY A 39 4.63 -7.38 0.97
CA GLY A 39 5.14 -6.38 1.94
C GLY A 39 4.22 -5.15 1.98
N ILE A 40 3.67 -4.77 0.85
CA ILE A 40 2.77 -3.57 0.81
C ILE A 40 1.28 -3.99 0.78
N VAL A 41 0.90 -4.88 -0.11
CA VAL A 41 -0.55 -5.28 -0.18
C VAL A 41 -0.98 -6.10 1.04
N GLU A 42 -0.43 -7.28 1.22
CA GLU A 42 -0.86 -8.13 2.38
C GLU A 42 -0.71 -7.38 3.70
N GLN A 43 0.46 -6.86 3.98
CA GLN A 43 0.65 -6.14 5.27
C GLN A 43 -0.51 -5.17 5.52
N CYS A 44 -0.85 -4.36 4.55
CA CYS A 44 -1.97 -3.39 4.74
C CYS A 44 -3.31 -4.10 4.53
N CYS A 45 -3.50 -4.73 3.41
CA CYS A 45 -4.78 -5.45 3.15
C CYS A 45 -5.00 -6.54 4.20
N ARG A 46 -4.02 -7.39 4.38
CA ARG A 46 -4.17 -8.50 5.37
C ARG A 46 -4.20 -7.94 6.80
N SER A 47 -3.47 -6.88 7.06
CA SER A 47 -3.46 -6.29 8.46
C SER A 47 -3.55 -4.78 8.36
N ILE A 48 -4.18 -4.15 9.32
CA ILE A 48 -4.31 -2.67 9.28
C ILE A 48 -2.92 -2.05 9.49
N CYS A 49 -2.27 -1.65 8.43
CA CYS A 49 -0.92 -1.03 8.57
C CYS A 49 -1.07 0.47 8.84
N SER A 50 -0.18 1.03 9.60
CA SER A 50 -0.27 2.49 9.92
C SER A 50 0.22 3.30 8.73
N LEU A 51 -0.10 4.57 8.69
CA LEU A 51 0.35 5.41 7.56
C LEU A 51 1.87 5.33 7.45
N TYR A 52 2.53 5.18 8.56
CA TYR A 52 4.03 5.09 8.54
C TYR A 52 4.47 4.12 7.43
N GLN A 53 3.96 2.92 7.45
CA GLN A 53 4.34 1.93 6.41
C GLN A 53 3.90 2.45 5.04
N LEU A 54 2.67 2.85 4.90
CA LEU A 54 2.21 3.36 3.59
C LEU A 54 3.11 4.51 3.17
N GLU A 55 3.57 5.25 4.12
CA GLU A 55 4.48 6.40 3.82
C GLU A 55 5.87 5.85 3.47
N ASN A 56 6.07 4.58 3.66
CA ASN A 56 7.40 3.98 3.37
C ASN A 56 7.57 3.71 1.87
N TYR A 57 6.49 3.61 1.14
CA TYR A 57 6.59 3.33 -0.33
C TYR A 57 6.45 4.62 -1.13
N CYS A 58 6.12 5.72 -0.49
CA CYS A 58 5.98 6.99 -1.24
C CYS A 58 7.30 7.31 -1.94
N GLY A 59 7.37 7.06 -3.21
CA GLY A 59 8.63 7.34 -3.97
C GLY A 59 9.09 8.77 -3.71
N PHE A 1 -6.37 8.78 7.09
CA PHE A 1 -7.73 8.18 7.01
C PHE A 1 -7.98 7.35 8.26
N VAL A 2 -9.22 7.00 8.52
CA VAL A 2 -9.54 6.20 9.73
C VAL A 2 -8.71 4.90 9.73
N ASN A 3 -9.04 3.99 10.61
CA ASN A 3 -8.28 2.70 10.68
C ASN A 3 -9.09 1.59 10.02
N GLN A 4 -8.54 0.96 9.02
CA GLN A 4 -9.28 -0.13 8.33
C GLN A 4 -8.32 -0.89 7.40
N HIS A 5 -8.75 -2.00 6.86
CA HIS A 5 -7.87 -2.80 5.97
C HIS A 5 -7.91 -2.21 4.54
N LEU A 6 -6.77 -1.83 4.02
CA LEU A 6 -6.70 -1.26 2.65
C LEU A 6 -6.49 -2.38 1.63
N CYS A 7 -7.42 -2.60 0.73
CA CYS A 7 -7.25 -3.67 -0.29
C CYS A 7 -7.52 -3.13 -1.70
N GLY A 8 -6.57 -3.31 -2.57
CA GLY A 8 -6.73 -2.84 -3.98
C GLY A 8 -6.87 -1.31 -4.04
N SER A 9 -7.79 -0.84 -4.85
CA SER A 9 -8.00 0.63 -5.00
C SER A 9 -7.97 1.31 -3.63
N HIS A 10 -8.40 0.63 -2.60
CA HIS A 10 -8.40 1.26 -1.26
C HIS A 10 -6.96 1.57 -0.87
N LEU A 11 -6.04 0.75 -1.28
CA LEU A 11 -4.60 0.99 -0.94
C LEU A 11 -4.10 2.18 -1.75
N VAL A 12 -4.29 2.16 -3.03
CA VAL A 12 -3.84 3.30 -3.87
C VAL A 12 -4.54 4.56 -3.37
N GLU A 13 -5.83 4.58 -3.42
CA GLU A 13 -6.59 5.77 -2.94
C GLU A 13 -6.00 6.30 -1.64
N ALA A 14 -5.43 5.43 -0.85
CA ALA A 14 -4.82 5.89 0.44
C ALA A 14 -3.39 6.37 0.18
N LEU A 15 -2.53 5.50 -0.28
CA LEU A 15 -1.11 5.92 -0.54
C LEU A 15 -1.09 7.24 -1.29
N TYR A 16 -2.02 7.44 -2.18
CA TYR A 16 -2.05 8.70 -2.96
C TYR A 16 -1.99 9.89 -1.98
N LEU A 17 -2.72 9.81 -0.90
CA LEU A 17 -2.70 10.92 0.10
C LEU A 17 -1.40 10.85 0.88
N VAL A 18 -1.11 9.71 1.41
CA VAL A 18 0.14 9.53 2.21
C VAL A 18 1.33 10.08 1.40
N CYS A 19 1.51 9.59 0.21
CA CYS A 19 2.65 10.05 -0.65
C CYS A 19 2.33 11.41 -1.27
N GLY A 20 1.08 11.76 -1.38
CA GLY A 20 0.74 13.07 -1.99
C GLY A 20 1.30 13.11 -3.42
N GLU A 21 2.19 14.04 -3.69
CA GLU A 21 2.78 14.13 -5.05
C GLU A 21 3.98 13.18 -5.19
N ARG A 22 4.62 12.83 -4.10
CA ARG A 22 5.79 11.93 -4.20
C ARG A 22 5.39 10.64 -4.93
N GLY A 23 4.18 10.19 -4.71
CA GLY A 23 3.71 8.95 -5.42
C GLY A 23 4.36 7.72 -4.79
N PHE A 24 3.85 6.56 -5.12
CA PHE A 24 4.40 5.28 -4.57
C PHE A 24 4.43 4.26 -5.70
N PHE A 25 5.02 3.11 -5.48
CA PHE A 25 5.09 2.08 -6.55
C PHE A 25 4.17 0.90 -6.16
N TYR A 26 3.21 0.58 -6.99
CA TYR A 26 2.30 -0.56 -6.66
C TYR A 26 2.81 -1.83 -7.34
N THR A 27 2.19 -2.94 -7.03
CA THR A 27 2.61 -4.26 -7.62
C THR A 27 1.50 -4.79 -8.55
N PRO A 28 1.44 -4.33 -9.78
CA PRO A 28 0.41 -4.79 -10.71
C PRO A 28 0.52 -6.30 -10.90
N ARG A 29 -0.19 -7.04 -10.08
CA ARG A 29 -0.22 -8.54 -10.14
C ARG A 29 1.01 -9.13 -10.83
N THR A 30 2.15 -8.54 -10.61
CA THR A 30 3.39 -9.05 -11.26
C THR A 30 3.94 -10.21 -10.42
N GLU A 31 3.64 -11.42 -10.80
CA GLU A 31 4.16 -12.58 -10.03
C GLU A 31 5.65 -12.77 -10.34
N GLU A 32 6.24 -11.82 -11.02
CA GLU A 32 7.69 -11.95 -11.36
C GLU A 32 8.52 -11.78 -10.09
N GLY A 33 8.01 -11.05 -9.13
CA GLY A 33 8.77 -10.84 -7.86
C GLY A 33 8.36 -11.90 -6.85
N SER A 34 9.16 -12.09 -5.82
CA SER A 34 8.82 -13.12 -4.80
C SER A 34 7.83 -12.53 -3.80
N ARG A 35 8.31 -11.84 -2.79
CA ARG A 35 7.41 -11.25 -1.78
C ARG A 35 6.98 -9.85 -2.24
N ARG A 36 7.61 -8.84 -1.71
CA ARG A 36 7.28 -7.44 -2.12
C ARG A 36 5.78 -7.17 -1.99
N SER A 37 5.00 -7.57 -2.96
CA SER A 37 3.54 -7.32 -2.91
C SER A 37 2.97 -7.64 -1.52
N ARG A 38 3.15 -8.84 -1.06
CA ARG A 38 2.60 -9.20 0.29
C ARG A 38 3.19 -8.26 1.34
N GLY A 39 4.16 -7.48 0.98
CA GLY A 39 4.76 -6.54 1.96
C GLY A 39 3.89 -5.27 2.03
N ILE A 40 3.36 -4.85 0.91
CA ILE A 40 2.51 -3.62 0.87
C ILE A 40 1.02 -4.00 0.85
N VAL A 41 0.62 -4.87 -0.04
CA VAL A 41 -0.84 -5.24 -0.11
C VAL A 41 -1.28 -6.05 1.11
N GLU A 42 -0.76 -7.23 1.30
CA GLU A 42 -1.20 -8.06 2.47
C GLU A 42 -0.96 -7.29 3.77
N GLN A 43 0.22 -6.79 3.97
CA GLN A 43 0.51 -6.04 5.23
C GLN A 43 -0.62 -5.05 5.53
N CYS A 44 -1.03 -4.28 4.56
CA CYS A 44 -2.11 -3.29 4.79
C CYS A 44 -3.48 -3.98 4.62
N CYS A 45 -3.70 -4.62 3.51
CA CYS A 45 -5.01 -5.31 3.29
C CYS A 45 -5.22 -6.39 4.36
N ARG A 46 -4.26 -7.25 4.55
CA ARG A 46 -4.42 -8.33 5.56
C ARG A 46 -4.44 -7.74 6.97
N SER A 47 -3.67 -6.70 7.21
CA SER A 47 -3.65 -6.07 8.57
C SER A 47 -3.68 -4.56 8.43
N ILE A 48 -4.28 -3.87 9.36
CA ILE A 48 -4.33 -2.38 9.26
C ILE A 48 -2.93 -1.81 9.46
N CYS A 49 -2.27 -1.49 8.38
CA CYS A 49 -0.89 -0.93 8.50
C CYS A 49 -0.99 0.57 8.78
N SER A 50 -0.18 1.07 9.67
CA SER A 50 -0.23 2.53 10.00
C SER A 50 0.25 3.34 8.80
N LEU A 51 -0.12 4.59 8.73
CA LEU A 51 0.33 5.45 7.60
C LEU A 51 1.83 5.38 7.49
N TYR A 52 2.51 5.21 8.59
CA TYR A 52 4.00 5.14 8.56
C TYR A 52 4.43 4.13 7.48
N GLN A 53 3.90 2.94 7.52
CA GLN A 53 4.26 1.92 6.50
C GLN A 53 3.82 2.41 5.12
N LEU A 54 2.61 2.86 4.98
CA LEU A 54 2.15 3.36 3.65
C LEU A 54 3.08 4.47 3.23
N GLU A 55 3.57 5.20 4.18
CA GLU A 55 4.52 6.31 3.89
C GLU A 55 5.89 5.73 3.53
N ASN A 56 6.05 4.45 3.72
CA ASN A 56 7.36 3.81 3.42
C ASN A 56 7.53 3.55 1.92
N TYR A 57 6.44 3.47 1.19
CA TYR A 57 6.53 3.18 -0.27
C TYR A 57 6.41 4.48 -1.08
N CYS A 58 6.15 5.58 -0.44
CA CYS A 58 6.02 6.87 -1.18
C CYS A 58 7.33 7.20 -1.88
N GLY A 59 7.40 6.98 -3.16
CA GLY A 59 8.65 7.27 -3.91
C GLY A 59 9.69 6.20 -3.62
N PHE A 1 -5.89 8.66 7.37
CA PHE A 1 -7.31 8.16 7.35
C PHE A 1 -7.58 7.37 8.63
N VAL A 2 -8.83 7.18 8.97
CA VAL A 2 -9.16 6.43 10.22
C VAL A 2 -8.49 5.07 10.20
N ASN A 3 -8.86 4.21 11.11
CA ASN A 3 -8.25 2.85 11.17
C ASN A 3 -9.08 1.88 10.32
N GLN A 4 -8.48 1.27 9.34
CA GLN A 4 -9.23 0.32 8.47
C GLN A 4 -8.26 -0.38 7.51
N HIS A 5 -8.53 -1.60 7.16
CA HIS A 5 -7.62 -2.33 6.25
C HIS A 5 -7.73 -1.74 4.85
N LEU A 6 -6.66 -1.78 4.10
CA LEU A 6 -6.66 -1.21 2.71
C LEU A 6 -6.50 -2.35 1.69
N CYS A 7 -7.48 -2.57 0.85
CA CYS A 7 -7.37 -3.65 -0.18
C CYS A 7 -7.71 -3.08 -1.56
N GLY A 8 -6.82 -3.25 -2.49
CA GLY A 8 -7.06 -2.75 -3.88
C GLY A 8 -7.22 -1.24 -3.89
N SER A 9 -8.17 -0.75 -4.65
CA SER A 9 -8.38 0.73 -4.74
C SER A 9 -8.24 1.39 -3.38
N HIS A 10 -8.66 0.74 -2.32
CA HIS A 10 -8.53 1.35 -0.98
C HIS A 10 -7.06 1.64 -0.70
N LEU A 11 -6.19 0.79 -1.16
CA LEU A 11 -4.73 1.01 -0.93
C LEU A 11 -4.29 2.19 -1.80
N VAL A 12 -4.62 2.14 -3.06
CA VAL A 12 -4.26 3.26 -3.96
C VAL A 12 -4.89 4.54 -3.42
N GLU A 13 -6.20 4.55 -3.36
CA GLU A 13 -6.91 5.76 -2.87
C GLU A 13 -6.22 6.28 -1.61
N ALA A 14 -5.61 5.43 -0.84
CA ALA A 14 -4.93 5.91 0.40
C ALA A 14 -3.50 6.39 0.05
N LEU A 15 -2.68 5.51 -0.46
CA LEU A 15 -1.28 5.93 -0.80
C LEU A 15 -1.31 7.25 -1.57
N TYR A 16 -2.30 7.42 -2.41
CA TYR A 16 -2.39 8.68 -3.19
C TYR A 16 -2.28 9.88 -2.24
N LEU A 17 -2.91 9.80 -1.10
CA LEU A 17 -2.84 10.93 -0.12
C LEU A 17 -1.50 10.87 0.61
N VAL A 18 -1.19 9.73 1.14
CA VAL A 18 0.10 9.58 1.88
C VAL A 18 1.25 10.12 1.02
N CYS A 19 1.35 9.65 -0.19
CA CYS A 19 2.45 10.11 -1.09
C CYS A 19 2.10 11.48 -1.69
N GLY A 20 0.85 11.83 -1.74
CA GLY A 20 0.49 13.14 -2.32
C GLY A 20 1.10 13.24 -3.72
N GLU A 21 2.03 14.13 -3.93
CA GLU A 21 2.66 14.26 -5.27
C GLU A 21 3.82 13.27 -5.40
N ARG A 22 4.39 12.84 -4.30
CA ARG A 22 5.52 11.88 -4.38
C ARG A 22 5.09 10.66 -5.19
N GLY A 23 3.87 10.22 -5.03
CA GLY A 23 3.39 9.05 -5.79
C GLY A 23 4.01 7.76 -5.21
N PHE A 24 3.44 6.62 -5.53
CA PHE A 24 3.99 5.32 -5.03
C PHE A 24 3.95 4.32 -6.19
N PHE A 25 4.50 3.15 -6.00
CA PHE A 25 4.51 2.13 -7.10
C PHE A 25 3.59 0.96 -6.71
N TYR A 26 2.60 0.66 -7.51
CA TYR A 26 1.71 -0.49 -7.18
C TYR A 26 2.21 -1.73 -7.92
N THR A 27 1.69 -2.88 -7.60
CA THR A 27 2.17 -4.11 -8.29
C THR A 27 1.76 -4.04 -9.79
N PRO A 28 2.61 -4.49 -10.70
CA PRO A 28 2.27 -4.47 -12.13
C PRO A 28 1.25 -5.57 -12.40
N ARG A 29 1.32 -6.64 -11.62
CA ARG A 29 0.36 -7.76 -11.78
C ARG A 29 -0.02 -8.29 -10.39
N THR A 30 0.76 -9.19 -9.84
CA THR A 30 0.42 -9.73 -8.48
C THR A 30 1.68 -10.12 -7.71
N GLU A 31 1.76 -11.34 -7.23
CA GLU A 31 2.94 -11.78 -6.45
C GLU A 31 4.21 -11.43 -7.22
N GLU A 32 4.07 -11.00 -8.45
CA GLU A 32 5.25 -10.61 -9.27
C GLU A 32 6.25 -11.76 -9.31
N GLY A 33 6.92 -12.00 -8.22
CA GLY A 33 7.92 -13.11 -8.17
C GLY A 33 8.28 -13.40 -6.72
N SER A 34 9.02 -12.53 -6.09
CA SER A 34 9.40 -12.74 -4.67
C SER A 34 8.29 -12.19 -3.76
N ARG A 35 8.64 -11.35 -2.83
CA ARG A 35 7.61 -10.77 -1.91
C ARG A 35 7.13 -9.42 -2.45
N ARG A 36 7.64 -8.35 -1.91
CA ARG A 36 7.24 -6.99 -2.39
C ARG A 36 5.72 -6.83 -2.37
N SER A 37 5.06 -7.29 -3.39
CA SER A 37 3.57 -7.16 -3.45
C SER A 37 2.95 -7.53 -2.10
N ARG A 38 3.13 -8.74 -1.66
CA ARG A 38 2.54 -9.14 -0.34
C ARG A 38 3.10 -8.24 0.76
N GLY A 39 4.09 -7.46 0.44
CA GLY A 39 4.68 -6.56 1.48
C GLY A 39 3.82 -5.29 1.58
N ILE A 40 3.26 -4.85 0.48
CA ILE A 40 2.42 -3.61 0.49
C ILE A 40 0.92 -3.97 0.52
N VAL A 41 0.47 -4.83 -0.37
CA VAL A 41 -0.99 -5.17 -0.38
C VAL A 41 -1.39 -5.99 0.85
N GLU A 42 -0.89 -7.19 0.98
CA GLU A 42 -1.27 -8.03 2.16
C GLU A 42 -0.96 -7.31 3.47
N GLN A 43 0.23 -6.79 3.61
CA GLN A 43 0.58 -6.08 4.87
C GLN A 43 -0.53 -5.10 5.25
N CYS A 44 -0.92 -4.25 4.33
CA CYS A 44 -1.99 -3.26 4.63
C CYS A 44 -3.37 -3.93 4.52
N CYS A 45 -3.64 -4.57 3.42
CA CYS A 45 -4.96 -5.25 3.26
C CYS A 45 -5.15 -6.30 4.35
N ARG A 46 -4.20 -7.18 4.50
CA ARG A 46 -4.33 -8.24 5.54
C ARG A 46 -4.36 -7.61 6.93
N SER A 47 -3.58 -6.58 7.17
CA SER A 47 -3.57 -5.93 8.52
C SER A 47 -3.55 -4.42 8.35
N ILE A 48 -4.13 -3.70 9.28
CA ILE A 48 -4.14 -2.22 9.16
C ILE A 48 -2.72 -1.67 9.33
N CYS A 49 -2.06 -1.38 8.24
CA CYS A 49 -0.67 -0.84 8.33
C CYS A 49 -0.74 0.66 8.61
N SER A 50 0.14 1.16 9.43
CA SER A 50 0.12 2.61 9.77
C SER A 50 0.56 3.42 8.54
N LEU A 51 0.21 4.67 8.50
CA LEU A 51 0.62 5.52 7.34
C LEU A 51 2.14 5.40 7.15
N TYR A 52 2.85 5.21 8.22
CA TYR A 52 4.35 5.09 8.11
C TYR A 52 4.69 4.09 7.00
N GLN A 53 4.14 2.91 7.06
CA GLN A 53 4.43 1.89 6.01
C GLN A 53 3.95 2.41 4.65
N LEU A 54 2.73 2.86 4.58
CA LEU A 54 2.23 3.38 3.28
C LEU A 54 3.15 4.49 2.81
N GLU A 55 3.67 5.23 3.73
CA GLU A 55 4.60 6.33 3.38
C GLU A 55 5.95 5.72 2.95
N ASN A 56 6.11 4.45 3.14
CA ASN A 56 7.39 3.79 2.78
C ASN A 56 7.47 3.54 1.27
N TYR A 57 6.35 3.48 0.60
CA TYR A 57 6.36 3.21 -0.87
C TYR A 57 6.17 4.51 -1.64
N CYS A 58 5.89 5.58 -0.96
CA CYS A 58 5.70 6.89 -1.65
C CYS A 58 6.98 7.28 -2.38
N GLY A 59 7.06 6.98 -3.65
CA GLY A 59 8.28 7.33 -4.42
C GLY A 59 8.24 6.65 -5.79
N PHE A 1 -6.83 8.76 6.79
CA PHE A 1 -8.11 7.99 6.70
C PHE A 1 -8.30 7.19 8.00
N VAL A 2 -9.53 6.86 8.32
CA VAL A 2 -9.78 6.10 9.57
C VAL A 2 -8.97 4.80 9.56
N ASN A 3 -9.25 3.92 10.47
CA ASN A 3 -8.50 2.63 10.54
C ASN A 3 -9.28 1.56 9.77
N GLN A 4 -8.71 1.04 8.72
CA GLN A 4 -9.42 -0.02 7.93
C GLN A 4 -8.40 -0.81 7.12
N HIS A 5 -8.78 -1.97 6.65
CA HIS A 5 -7.83 -2.80 5.85
C HIS A 5 -7.77 -2.26 4.43
N LEU A 6 -6.60 -1.90 3.98
CA LEU A 6 -6.46 -1.37 2.58
C LEU A 6 -6.16 -2.52 1.62
N CYS A 7 -7.05 -2.79 0.69
CA CYS A 7 -6.81 -3.89 -0.29
C CYS A 7 -7.03 -3.37 -1.71
N GLY A 8 -6.04 -3.53 -2.55
CA GLY A 8 -6.15 -3.08 -3.97
C GLY A 8 -6.31 -1.56 -4.04
N SER A 9 -7.18 -1.10 -4.89
CA SER A 9 -7.39 0.37 -5.06
C SER A 9 -7.43 1.06 -3.70
N HIS A 10 -7.96 0.42 -2.70
CA HIS A 10 -8.01 1.06 -1.36
C HIS A 10 -6.58 1.41 -0.91
N LEU A 11 -5.64 0.60 -1.27
CA LEU A 11 -4.23 0.87 -0.88
C LEU A 11 -3.72 2.05 -1.70
N VAL A 12 -3.82 1.97 -2.99
CA VAL A 12 -3.38 3.10 -3.84
C VAL A 12 -4.14 4.35 -3.41
N GLU A 13 -5.43 4.31 -3.48
CA GLU A 13 -6.25 5.48 -3.09
C GLU A 13 -5.73 6.05 -1.77
N ALA A 14 -5.16 5.23 -0.93
CA ALA A 14 -4.64 5.75 0.37
C ALA A 14 -3.20 6.27 0.19
N LEU A 15 -2.30 5.41 -0.21
CA LEU A 15 -0.89 5.87 -0.41
C LEU A 15 -0.88 7.17 -1.20
N TYR A 16 -1.79 7.31 -2.11
CA TYR A 16 -1.85 8.56 -2.93
C TYR A 16 -1.90 9.77 -1.99
N LEU A 17 -2.63 9.68 -0.91
CA LEU A 17 -2.70 10.82 0.05
C LEU A 17 -1.44 10.81 0.91
N VAL A 18 -1.15 9.69 1.50
CA VAL A 18 0.05 9.57 2.37
C VAL A 18 1.26 10.14 1.63
N CYS A 19 1.51 9.67 0.44
CA CYS A 19 2.67 10.15 -0.36
C CYS A 19 2.35 11.49 -1.01
N GLY A 20 1.10 11.80 -1.19
CA GLY A 20 0.75 13.10 -1.84
C GLY A 20 1.53 13.20 -3.16
N GLU A 21 2.42 14.15 -3.26
CA GLU A 21 3.22 14.29 -4.51
C GLU A 21 4.42 13.36 -4.47
N ARG A 22 4.83 12.95 -3.28
CA ARG A 22 6.00 12.04 -3.18
C ARG A 22 5.75 10.80 -4.04
N GLY A 23 4.54 10.31 -4.05
CA GLY A 23 4.22 9.11 -4.89
C GLY A 23 4.80 7.85 -4.23
N PHE A 24 4.29 6.70 -4.62
CA PHE A 24 4.78 5.40 -4.05
C PHE A 24 4.87 4.41 -5.21
N PHE A 25 5.40 3.22 -4.99
CA PHE A 25 5.52 2.23 -6.10
C PHE A 25 4.58 1.03 -5.82
N TYR A 26 3.67 0.75 -6.72
CA TYR A 26 2.74 -0.40 -6.54
C TYR A 26 3.17 -1.56 -7.43
N THR A 27 2.60 -2.72 -7.24
CA THR A 27 2.97 -3.89 -8.09
C THR A 27 2.20 -3.79 -9.42
N PRO A 28 2.80 -4.21 -10.52
CA PRO A 28 2.11 -4.16 -11.83
C PRO A 28 0.88 -5.06 -11.81
N ARG A 29 1.08 -6.35 -11.88
CA ARG A 29 -0.08 -7.29 -11.87
C ARG A 29 0.44 -8.70 -11.58
N THR A 30 1.72 -8.84 -11.47
CA THR A 30 2.33 -10.19 -11.21
C THR A 30 1.50 -10.95 -10.17
N GLU A 31 1.67 -12.25 -10.10
CA GLU A 31 0.90 -13.05 -9.12
C GLU A 31 1.53 -14.44 -8.98
N GLU A 32 2.29 -14.86 -9.96
CA GLU A 32 2.94 -16.21 -9.87
C GLU A 32 3.75 -16.28 -8.58
N GLY A 33 4.37 -15.20 -8.23
CA GLY A 33 5.19 -15.17 -6.97
C GLY A 33 5.32 -13.73 -6.52
N SER A 34 5.63 -13.49 -5.27
CA SER A 34 5.77 -12.09 -4.77
C SER A 34 7.10 -11.90 -4.07
N ARG A 35 7.29 -10.72 -3.55
CA ARG A 35 8.55 -10.39 -2.84
C ARG A 35 8.34 -9.11 -2.03
N ARG A 36 7.85 -8.09 -2.68
CA ARG A 36 7.59 -6.79 -2.01
C ARG A 36 6.10 -6.62 -1.79
N SER A 37 5.35 -6.88 -2.81
CA SER A 37 3.86 -6.74 -2.73
C SER A 37 3.34 -7.30 -1.40
N ARG A 38 3.78 -8.46 -1.02
CA ARG A 38 3.31 -9.06 0.27
C ARG A 38 3.73 -8.16 1.44
N GLY A 39 4.71 -7.34 1.24
CA GLY A 39 5.17 -6.44 2.34
C GLY A 39 4.28 -5.20 2.42
N ILE A 40 3.79 -4.74 1.29
CA ILE A 40 2.93 -3.51 1.28
C ILE A 40 1.44 -3.90 1.18
N VAL A 41 1.07 -4.72 0.22
CA VAL A 41 -0.38 -5.09 0.07
C VAL A 41 -0.88 -5.93 1.25
N GLU A 42 -0.35 -7.11 1.42
CA GLU A 42 -0.83 -7.97 2.53
C GLU A 42 -0.70 -7.26 3.88
N GLN A 43 0.46 -6.79 4.22
CA GLN A 43 0.63 -6.11 5.55
C GLN A 43 -0.53 -5.13 5.80
N CYS A 44 -0.83 -4.29 4.85
CA CYS A 44 -1.95 -3.32 5.03
C CYS A 44 -3.29 -4.01 4.79
N CYS A 45 -3.42 -4.70 3.69
CA CYS A 45 -4.70 -5.39 3.38
C CYS A 45 -5.01 -6.44 4.45
N ARG A 46 -4.09 -7.33 4.73
CA ARG A 46 -4.37 -8.37 5.77
C ARG A 46 -4.44 -7.74 7.14
N SER A 47 -3.59 -6.77 7.41
CA SER A 47 -3.60 -6.11 8.76
C SER A 47 -3.72 -4.60 8.59
N ILE A 48 -4.42 -3.94 9.47
CA ILE A 48 -4.55 -2.47 9.34
C ILE A 48 -3.20 -1.82 9.63
N CYS A 49 -2.46 -1.47 8.61
CA CYS A 49 -1.13 -0.85 8.82
C CYS A 49 -1.31 0.65 9.07
N SER A 50 -0.54 1.22 9.96
CA SER A 50 -0.68 2.67 10.25
C SER A 50 -0.12 3.47 9.07
N LEU A 51 -0.46 4.73 9.00
CA LEU A 51 0.05 5.57 7.88
C LEU A 51 1.58 5.50 7.86
N TYR A 52 2.19 5.37 9.01
CA TYR A 52 3.68 5.30 9.05
C TYR A 52 4.17 4.31 8.00
N GLN A 53 3.70 3.09 8.05
CA GLN A 53 4.14 2.08 7.05
C GLN A 53 3.79 2.57 5.65
N LEU A 54 2.58 2.96 5.42
CA LEU A 54 2.19 3.46 4.08
C LEU A 54 3.13 4.61 3.70
N GLU A 55 3.52 5.37 4.67
CA GLU A 55 4.45 6.51 4.41
C GLU A 55 5.84 5.96 4.13
N ASN A 56 6.04 4.69 4.34
CA ASN A 56 7.39 4.09 4.11
C ASN A 56 7.63 3.82 2.63
N TYR A 57 6.59 3.70 1.85
CA TYR A 57 6.76 3.41 0.39
C TYR A 57 6.62 4.70 -0.42
N CYS A 58 6.21 5.76 0.21
CA CYS A 58 6.05 7.05 -0.51
C CYS A 58 7.40 7.47 -1.09
N GLY A 59 7.66 7.12 -2.31
CA GLY A 59 8.94 7.50 -2.94
C GLY A 59 10.06 6.59 -2.44
N PHE A 1 -6.26 9.32 6.60
CA PHE A 1 -7.63 8.74 6.65
C PHE A 1 -7.89 8.20 8.07
N VAL A 2 -9.09 7.78 8.33
CA VAL A 2 -9.42 7.25 9.70
C VAL A 2 -8.50 6.08 10.04
N ASN A 3 -9.05 4.90 10.19
CA ASN A 3 -8.21 3.72 10.54
C ASN A 3 -8.94 2.44 10.17
N GLN A 4 -8.60 1.84 9.06
CA GLN A 4 -9.27 0.57 8.64
C GLN A 4 -8.27 -0.31 7.88
N HIS A 5 -8.69 -1.48 7.46
CA HIS A 5 -7.76 -2.38 6.72
C HIS A 5 -7.79 -1.97 5.23
N LEU A 6 -6.65 -1.70 4.66
CA LEU A 6 -6.59 -1.28 3.23
C LEU A 6 -6.37 -2.50 2.32
N CYS A 7 -7.33 -2.81 1.47
CA CYS A 7 -7.16 -3.97 0.55
C CYS A 7 -7.46 -3.54 -0.89
N GLY A 8 -6.53 -3.76 -1.78
CA GLY A 8 -6.72 -3.39 -3.21
C GLY A 8 -6.91 -1.89 -3.37
N SER A 9 -7.84 -1.48 -4.19
CA SER A 9 -8.08 -0.03 -4.42
C SER A 9 -8.02 0.74 -3.10
N HIS A 10 -8.47 0.18 -2.02
CA HIS A 10 -8.42 0.90 -0.73
C HIS A 10 -6.97 1.26 -0.43
N LEU A 11 -6.06 0.41 -0.79
CA LEU A 11 -4.62 0.69 -0.54
C LEU A 11 -4.17 1.79 -1.49
N VAL A 12 -4.43 1.63 -2.74
CA VAL A 12 -4.06 2.68 -3.72
C VAL A 12 -4.75 3.97 -3.33
N GLU A 13 -6.05 3.95 -3.28
CA GLU A 13 -6.81 5.17 -2.90
C GLU A 13 -6.17 5.82 -1.67
N ALA A 14 -5.56 5.05 -0.82
CA ALA A 14 -4.92 5.65 0.39
C ALA A 14 -3.50 6.12 0.04
N LEU A 15 -2.63 5.22 -0.37
CA LEU A 15 -1.24 5.63 -0.70
C LEU A 15 -1.27 6.89 -1.59
N TYR A 16 -2.23 6.98 -2.45
CA TYR A 16 -2.31 8.15 -3.36
C TYR A 16 -2.26 9.43 -2.50
N LEU A 17 -2.93 9.44 -1.38
CA LEU A 17 -2.92 10.64 -0.50
C LEU A 17 -1.61 10.67 0.28
N VAL A 18 -1.28 9.59 0.91
CA VAL A 18 -0.01 9.52 1.69
C VAL A 18 1.14 10.03 0.84
N CYS A 19 1.30 9.46 -0.33
CA CYS A 19 2.40 9.88 -1.24
C CYS A 19 2.03 11.17 -1.97
N GLY A 20 0.77 11.46 -2.09
CA GLY A 20 0.37 12.71 -2.81
C GLY A 20 1.01 12.68 -4.20
N GLU A 21 1.90 13.61 -4.47
CA GLU A 21 2.55 13.64 -5.81
C GLU A 21 3.76 12.70 -5.81
N ARG A 22 4.31 12.42 -4.66
CA ARG A 22 5.49 11.51 -4.62
C ARG A 22 5.14 10.20 -5.31
N GLY A 23 3.94 9.72 -5.15
CA GLY A 23 3.53 8.45 -5.82
C GLY A 23 4.17 7.25 -5.10
N PHE A 24 3.65 6.08 -5.33
CA PHE A 24 4.21 4.84 -4.70
C PHE A 24 4.23 3.74 -5.76
N PHE A 25 4.83 2.61 -5.46
CA PHE A 25 4.88 1.50 -6.43
C PHE A 25 4.01 0.35 -5.90
N TYR A 26 3.02 -0.04 -6.64
CA TYR A 26 2.14 -1.15 -6.16
C TYR A 26 2.80 -2.48 -6.48
N THR A 27 2.41 -3.52 -5.80
CA THR A 27 3.01 -4.86 -6.03
C THR A 27 3.19 -5.10 -7.54
N PRO A 28 4.24 -5.80 -7.95
CA PRO A 28 4.44 -6.08 -9.38
C PRO A 28 3.12 -6.57 -9.98
N ARG A 29 2.52 -5.78 -10.79
CA ARG A 29 1.23 -6.14 -11.44
C ARG A 29 1.49 -7.23 -12.48
N THR A 30 2.38 -8.12 -12.16
CA THR A 30 2.74 -9.23 -13.10
C THR A 30 2.70 -10.56 -12.33
N GLU A 31 1.95 -11.52 -12.83
CA GLU A 31 1.88 -12.84 -12.13
C GLU A 31 3.19 -13.59 -12.35
N GLU A 32 4.30 -12.92 -12.18
CA GLU A 32 5.61 -13.59 -12.38
C GLU A 32 5.84 -14.64 -11.30
N GLY A 33 5.72 -14.26 -10.06
CA GLY A 33 5.92 -15.24 -8.94
C GLY A 33 6.61 -14.55 -7.76
N SER A 34 7.21 -13.42 -8.00
CA SER A 34 7.92 -12.70 -6.90
C SER A 34 6.98 -12.51 -5.71
N ARG A 35 7.42 -11.78 -4.73
CA ARG A 35 6.60 -11.52 -3.51
C ARG A 35 6.26 -10.03 -3.42
N ARG A 36 6.96 -9.32 -2.57
CA ARG A 36 6.74 -7.85 -2.40
C ARG A 36 5.30 -7.56 -1.94
N SER A 37 4.33 -7.91 -2.74
CA SER A 37 2.91 -7.65 -2.37
C SER A 37 2.66 -8.00 -0.89
N ARG A 38 3.17 -9.11 -0.44
CA ARG A 38 2.94 -9.50 0.98
C ARG A 38 3.49 -8.43 1.93
N GLY A 39 4.38 -7.62 1.46
CA GLY A 39 4.98 -6.57 2.34
C GLY A 39 4.08 -5.33 2.41
N ILE A 40 3.51 -4.92 1.30
CA ILE A 40 2.65 -3.69 1.29
C ILE A 40 1.15 -4.06 1.34
N VAL A 41 0.69 -4.93 0.50
CA VAL A 41 -0.77 -5.28 0.50
C VAL A 41 -1.17 -6.01 1.79
N GLU A 42 -0.63 -7.17 2.02
CA GLU A 42 -1.01 -7.94 3.24
C GLU A 42 -0.79 -7.11 4.51
N GLN A 43 0.40 -6.64 4.74
CA GLN A 43 0.67 -5.85 5.98
C GLN A 43 -0.47 -4.84 6.24
N CYS A 44 -0.85 -4.10 5.24
CA CYS A 44 -1.94 -3.11 5.43
C CYS A 44 -3.31 -3.79 5.34
N CYS A 45 -3.53 -4.55 4.31
CA CYS A 45 -4.83 -5.26 4.14
C CYS A 45 -5.07 -6.24 5.30
N ARG A 46 -4.13 -7.11 5.57
CA ARG A 46 -4.33 -8.08 6.69
C ARG A 46 -4.29 -7.34 8.03
N SER A 47 -3.44 -6.36 8.17
CA SER A 47 -3.36 -5.62 9.46
C SER A 47 -3.44 -4.12 9.19
N ILE A 48 -4.04 -3.39 10.09
CA ILE A 48 -4.15 -1.91 9.88
C ILE A 48 -2.76 -1.28 10.01
N CYS A 49 -2.12 -1.01 8.90
CA CYS A 49 -0.77 -0.39 8.96
C CYS A 49 -0.91 1.13 9.10
N SER A 50 -0.07 1.73 9.89
CA SER A 50 -0.16 3.21 10.09
C SER A 50 0.30 3.93 8.82
N LEU A 51 -0.05 5.17 8.67
CA LEU A 51 0.37 5.93 7.46
C LEU A 51 1.89 5.84 7.32
N TYR A 52 2.58 5.76 8.42
CA TYR A 52 4.08 5.68 8.35
C TYR A 52 4.47 4.60 7.35
N GLN A 53 4.00 3.40 7.53
CA GLN A 53 4.35 2.30 6.57
C GLN A 53 3.89 2.70 5.17
N LEU A 54 2.66 3.11 5.01
CA LEU A 54 2.19 3.52 3.67
C LEU A 54 3.11 4.60 3.14
N GLU A 55 3.57 5.44 4.02
CA GLU A 55 4.49 6.53 3.62
C GLU A 55 5.86 5.94 3.28
N ASN A 56 6.06 4.68 3.57
CA ASN A 56 7.37 4.04 3.30
C ASN A 56 7.51 3.68 1.82
N TYR A 57 6.40 3.52 1.13
CA TYR A 57 6.46 3.13 -0.31
C TYR A 57 6.28 4.37 -1.20
N CYS A 58 5.97 5.49 -0.63
CA CYS A 58 5.77 6.72 -1.43
C CYS A 58 7.07 7.07 -2.15
N GLY A 59 7.20 6.67 -3.38
CA GLY A 59 8.44 6.97 -4.16
C GLY A 59 8.23 8.24 -4.98
N PHE A 1 -5.17 7.65 8.12
CA PHE A 1 -6.55 8.10 7.76
C PHE A 1 -7.51 7.66 8.86
N VAL A 2 -7.82 6.40 8.92
CA VAL A 2 -8.75 5.88 9.97
C VAL A 2 -8.40 4.43 10.28
N ASN A 3 -9.25 3.73 10.98
CA ASN A 3 -8.97 2.30 11.32
C ASN A 3 -9.69 1.39 10.33
N GLN A 4 -9.02 1.00 9.28
CA GLN A 4 -9.67 0.11 8.28
C GLN A 4 -8.58 -0.53 7.40
N HIS A 5 -8.87 -1.65 6.80
CA HIS A 5 -7.86 -2.32 5.94
C HIS A 5 -7.89 -1.70 4.54
N LEU A 6 -6.76 -1.66 3.89
CA LEU A 6 -6.67 -1.08 2.52
C LEU A 6 -6.50 -2.23 1.50
N CYS A 7 -7.44 -2.43 0.62
CA CYS A 7 -7.31 -3.51 -0.40
C CYS A 7 -7.58 -2.95 -1.80
N GLY A 8 -6.64 -3.15 -2.69
CA GLY A 8 -6.81 -2.66 -4.09
C GLY A 8 -6.94 -1.14 -4.12
N SER A 9 -7.85 -0.64 -4.92
CA SER A 9 -8.04 0.83 -5.04
C SER A 9 -7.95 1.51 -3.66
N HIS A 10 -8.41 0.86 -2.64
CA HIS A 10 -8.34 1.49 -1.29
C HIS A 10 -6.87 1.75 -0.94
N LEU A 11 -6.00 0.87 -1.35
CA LEU A 11 -4.55 1.06 -1.05
C LEU A 11 -4.04 2.21 -1.90
N VAL A 12 -4.33 2.17 -3.17
CA VAL A 12 -3.89 3.27 -4.06
C VAL A 12 -4.49 4.58 -3.55
N GLU A 13 -5.79 4.65 -3.54
CA GLU A 13 -6.47 5.88 -3.07
C GLU A 13 -5.81 6.40 -1.80
N ALA A 14 -5.26 5.52 -1.00
CA ALA A 14 -4.61 5.97 0.26
C ALA A 14 -3.16 6.39 -0.03
N LEU A 15 -2.34 5.50 -0.51
CA LEU A 15 -0.92 5.86 -0.80
C LEU A 15 -0.88 7.18 -1.58
N TYR A 16 -1.82 7.37 -2.46
CA TYR A 16 -1.85 8.61 -3.26
C TYR A 16 -1.73 9.82 -2.32
N LEU A 17 -2.39 9.77 -1.19
CA LEU A 17 -2.30 10.91 -0.23
C LEU A 17 -0.98 10.81 0.53
N VAL A 18 -0.71 9.66 1.07
CA VAL A 18 0.56 9.48 1.84
C VAL A 18 1.73 9.97 0.99
N CYS A 19 1.86 9.47 -0.20
CA CYS A 19 2.97 9.87 -1.10
C CYS A 19 2.69 11.23 -1.75
N GLY A 20 1.44 11.61 -1.83
CA GLY A 20 1.11 12.91 -2.48
C GLY A 20 1.71 12.92 -3.89
N GLU A 21 2.63 13.81 -4.15
CA GLU A 21 3.24 13.88 -5.51
C GLU A 21 4.40 12.87 -5.61
N ARG A 22 5.02 12.53 -4.51
CA ARG A 22 6.16 11.57 -4.59
C ARG A 22 5.70 10.30 -5.30
N GLY A 23 4.48 9.89 -5.09
CA GLY A 23 3.97 8.67 -5.78
C GLY A 23 4.56 7.40 -5.14
N PHE A 24 3.98 6.27 -5.46
CA PHE A 24 4.48 4.97 -4.90
C PHE A 24 4.44 3.93 -6.02
N PHE A 25 4.96 2.76 -5.80
CA PHE A 25 4.95 1.70 -6.85
C PHE A 25 3.98 0.58 -6.43
N TYR A 26 3.04 0.23 -7.29
CA TYR A 26 2.07 -0.85 -6.93
C TYR A 26 2.57 -2.17 -7.53
N THR A 27 2.00 -3.27 -7.12
CA THR A 27 2.45 -4.58 -7.68
C THR A 27 2.05 -4.66 -9.17
N PRO A 28 2.86 -5.29 -10.01
CA PRO A 28 2.54 -5.39 -11.44
C PRO A 28 1.32 -6.33 -11.60
N ARG A 29 1.50 -7.60 -11.40
CA ARG A 29 0.36 -8.55 -11.54
C ARG A 29 -0.34 -8.69 -10.18
N THR A 30 0.24 -9.42 -9.26
CA THR A 30 -0.39 -9.59 -7.93
C THR A 30 0.62 -10.15 -6.94
N GLU A 31 0.19 -11.03 -6.08
CA GLU A 31 1.12 -11.63 -5.09
C GLU A 31 2.29 -12.24 -5.84
N GLU A 32 2.26 -12.25 -7.15
CA GLU A 32 3.38 -12.85 -7.93
C GLU A 32 4.72 -12.35 -7.35
N GLY A 33 4.74 -11.15 -6.87
CA GLY A 33 6.01 -10.59 -6.30
C GLY A 33 6.56 -11.55 -5.26
N SER A 34 7.84 -11.51 -5.02
CA SER A 34 8.45 -12.42 -4.01
C SER A 34 8.34 -11.79 -2.62
N ARG A 35 8.96 -10.66 -2.44
CA ARG A 35 8.91 -9.96 -1.12
C ARG A 35 7.89 -8.82 -1.18
N ARG A 36 8.05 -7.92 -2.13
CA ARG A 36 7.12 -6.79 -2.24
C ARG A 36 5.69 -7.30 -2.41
N SER A 37 4.81 -6.47 -2.93
CA SER A 37 3.39 -6.90 -3.12
C SER A 37 2.81 -7.43 -1.81
N ARG A 38 3.08 -8.66 -1.48
CA ARG A 38 2.54 -9.22 -0.21
C ARG A 38 3.05 -8.36 0.95
N GLY A 39 4.08 -7.61 0.73
CA GLY A 39 4.61 -6.73 1.81
C GLY A 39 3.79 -5.44 1.86
N ILE A 40 3.26 -5.01 0.74
CA ILE A 40 2.44 -3.76 0.69
C ILE A 40 0.94 -4.10 0.67
N VAL A 41 0.51 -4.97 -0.22
CA VAL A 41 -0.95 -5.28 -0.28
C VAL A 41 -1.42 -6.07 0.95
N GLU A 42 -0.94 -7.26 1.14
CA GLU A 42 -1.39 -8.07 2.31
C GLU A 42 -1.11 -7.31 3.62
N GLN A 43 0.08 -6.82 3.78
CA GLN A 43 0.41 -6.08 5.04
C GLN A 43 -0.70 -5.08 5.36
N CYS A 44 -1.08 -4.27 4.40
CA CYS A 44 -2.15 -3.27 4.64
C CYS A 44 -3.54 -3.91 4.46
N CYS A 45 -3.76 -4.55 3.36
CA CYS A 45 -5.09 -5.20 3.12
C CYS A 45 -5.36 -6.27 4.18
N ARG A 46 -4.38 -7.09 4.48
CA ARG A 46 -4.59 -8.15 5.49
C ARG A 46 -4.66 -7.51 6.89
N SER A 47 -3.88 -6.49 7.16
CA SER A 47 -3.93 -5.84 8.50
C SER A 47 -3.87 -4.32 8.35
N ILE A 48 -4.41 -3.59 9.30
CA ILE A 48 -4.39 -2.11 9.21
C ILE A 48 -2.95 -1.61 9.37
N CYS A 49 -2.29 -1.30 8.28
CA CYS A 49 -0.89 -0.80 8.37
C CYS A 49 -0.92 0.70 8.63
N SER A 50 -0.04 1.19 9.46
CA SER A 50 -0.02 2.65 9.76
C SER A 50 0.50 3.42 8.55
N LEU A 51 0.23 4.71 8.50
CA LEU A 51 0.72 5.52 7.35
C LEU A 51 2.23 5.35 7.21
N TYR A 52 2.91 5.16 8.30
CA TYR A 52 4.39 4.98 8.24
C TYR A 52 4.73 3.95 7.16
N GLN A 53 4.13 2.79 7.23
CA GLN A 53 4.42 1.74 6.21
C GLN A 53 3.99 2.25 4.83
N LEU A 54 2.78 2.73 4.71
CA LEU A 54 2.33 3.25 3.38
C LEU A 54 3.30 4.33 2.92
N GLU A 55 3.84 5.05 3.86
CA GLU A 55 4.81 6.12 3.52
C GLU A 55 6.15 5.49 3.16
N ASN A 56 6.28 4.21 3.37
CA ASN A 56 7.57 3.52 3.06
C ASN A 56 7.70 3.23 1.57
N TYR A 57 6.60 3.18 0.86
CA TYR A 57 6.65 2.87 -0.60
C TYR A 57 6.55 4.17 -1.43
N CYS A 58 6.31 5.28 -0.79
CA CYS A 58 6.20 6.55 -1.54
C CYS A 58 7.52 6.84 -2.26
N GLY A 59 7.57 6.54 -3.53
CA GLY A 59 8.83 6.79 -4.29
C GLY A 59 9.09 8.30 -4.37
N PHE A 1 -9.97 7.13 6.66
CA PHE A 1 -8.66 6.52 6.30
C PHE A 1 -7.77 6.51 7.54
N VAL A 2 -8.33 6.20 8.67
CA VAL A 2 -7.54 6.16 9.94
C VAL A 2 -7.20 4.71 10.29
N ASN A 3 -7.76 4.19 11.35
CA ASN A 3 -7.48 2.78 11.73
C ASN A 3 -8.42 1.86 10.96
N GLN A 4 -8.11 1.58 9.72
CA GLN A 4 -8.98 0.70 8.89
C GLN A 4 -8.12 -0.21 8.01
N HIS A 5 -8.70 -1.21 7.40
CA HIS A 5 -7.91 -2.13 6.52
C HIS A 5 -7.99 -1.64 5.08
N LEU A 6 -6.89 -1.64 4.39
CA LEU A 6 -6.86 -1.17 2.96
C LEU A 6 -6.73 -2.37 2.02
N CYS A 7 -7.71 -2.60 1.18
CA CYS A 7 -7.63 -3.75 0.22
C CYS A 7 -7.94 -3.27 -1.20
N GLY A 8 -7.03 -3.54 -2.11
CA GLY A 8 -7.24 -3.13 -3.53
C GLY A 8 -7.32 -1.61 -3.66
N SER A 9 -8.25 -1.14 -4.46
CA SER A 9 -8.39 0.33 -4.66
C SER A 9 -8.28 1.07 -3.33
N HIS A 10 -8.74 0.50 -2.26
CA HIS A 10 -8.64 1.19 -0.95
C HIS A 10 -7.15 1.47 -0.66
N LEU A 11 -6.28 0.58 -1.07
CA LEU A 11 -4.84 0.79 -0.83
C LEU A 11 -4.35 1.91 -1.73
N VAL A 12 -4.59 1.79 -3.00
CA VAL A 12 -4.16 2.87 -3.93
C VAL A 12 -4.82 4.17 -3.48
N GLU A 13 -6.13 4.19 -3.45
CA GLU A 13 -6.86 5.41 -3.03
C GLU A 13 -6.20 6.01 -1.80
N ALA A 14 -5.59 5.20 -0.97
CA ALA A 14 -4.94 5.73 0.25
C ALA A 14 -3.51 6.17 -0.09
N LEU A 15 -2.69 5.26 -0.53
CA LEU A 15 -1.27 5.63 -0.87
C LEU A 15 -1.27 6.91 -1.71
N TYR A 16 -2.24 7.07 -2.57
CA TYR A 16 -2.29 8.29 -3.42
C TYR A 16 -2.19 9.53 -2.52
N LEU A 17 -2.84 9.51 -1.38
CA LEU A 17 -2.78 10.68 -0.47
C LEU A 17 -1.45 10.65 0.30
N VAL A 18 -1.16 9.53 0.89
CA VAL A 18 0.10 9.39 1.66
C VAL A 18 1.27 9.87 0.80
N CYS A 19 1.40 9.33 -0.38
CA CYS A 19 2.50 9.71 -1.29
C CYS A 19 2.19 11.05 -1.97
N GLY A 20 0.94 11.41 -2.05
CA GLY A 20 0.59 12.69 -2.71
C GLY A 20 1.21 12.70 -4.11
N GLU A 21 2.13 13.60 -4.35
CA GLU A 21 2.78 13.66 -5.69
C GLU A 21 3.94 12.66 -5.74
N ARG A 22 4.49 12.31 -4.61
CA ARG A 22 5.63 11.36 -4.60
C ARG A 22 5.22 10.09 -5.35
N GLY A 23 3.99 9.67 -5.19
CA GLY A 23 3.52 8.45 -5.90
C GLY A 23 4.12 7.19 -5.25
N PHE A 24 3.54 6.05 -5.54
CA PHE A 24 4.04 4.76 -4.98
C PHE A 24 3.98 3.72 -6.11
N PHE A 25 4.50 2.54 -5.88
CA PHE A 25 4.48 1.50 -6.95
C PHE A 25 3.52 0.37 -6.56
N TYR A 26 2.51 0.12 -7.36
CA TYR A 26 1.55 -0.98 -7.04
C TYR A 26 1.86 -2.16 -7.96
N THR A 27 2.45 -3.21 -7.42
CA THR A 27 2.83 -4.44 -8.21
C THR A 27 2.38 -4.35 -9.69
N PRO A 28 3.10 -3.59 -10.49
CA PRO A 28 2.76 -3.40 -11.91
C PRO A 28 3.18 -4.63 -12.71
N ARG A 29 4.06 -5.42 -12.16
CA ARG A 29 4.54 -6.64 -12.88
C ARG A 29 3.80 -7.87 -12.36
N THR A 30 3.05 -7.70 -11.30
CA THR A 30 2.30 -8.85 -10.71
C THR A 30 3.27 -10.02 -10.52
N GLU A 31 4.54 -9.78 -10.65
CA GLU A 31 5.53 -10.88 -10.45
C GLU A 31 5.61 -11.18 -8.96
N GLU A 32 4.48 -11.23 -8.30
CA GLU A 32 4.48 -11.51 -6.83
C GLU A 32 5.52 -12.58 -6.49
N GLY A 33 5.31 -13.78 -6.99
CA GLY A 33 6.28 -14.89 -6.73
C GLY A 33 6.83 -14.81 -5.30
N SER A 34 7.95 -14.15 -5.14
CA SER A 34 8.55 -14.02 -3.78
C SER A 34 7.53 -13.40 -2.82
N ARG A 35 7.69 -12.14 -2.49
CA ARG A 35 6.74 -11.48 -1.55
C ARG A 35 6.41 -10.06 -2.05
N ARG A 36 6.99 -9.07 -1.44
CA ARG A 36 6.74 -7.65 -1.85
C ARG A 36 5.26 -7.35 -1.82
N SER A 37 4.56 -7.75 -2.85
CA SER A 37 3.10 -7.47 -2.92
C SER A 37 2.44 -7.80 -1.57
N ARG A 38 2.53 -9.02 -1.13
CA ARG A 38 1.92 -9.38 0.19
C ARG A 38 2.56 -8.51 1.27
N GLY A 39 3.63 -7.85 0.93
CA GLY A 39 4.30 -6.97 1.93
C GLY A 39 3.55 -5.65 2.00
N ILE A 40 2.99 -5.21 0.89
CA ILE A 40 2.23 -3.92 0.87
C ILE A 40 0.71 -4.22 0.91
N VAL A 41 0.22 -5.07 0.04
CA VAL A 41 -1.26 -5.35 0.03
C VAL A 41 -1.69 -6.12 1.27
N GLU A 42 -1.22 -7.34 1.44
CA GLU A 42 -1.66 -8.12 2.63
C GLU A 42 -1.29 -7.38 3.92
N GLN A 43 -0.10 -6.87 4.03
CA GLN A 43 0.29 -6.15 5.28
C GLN A 43 -0.81 -5.14 5.64
N CYS A 44 -1.17 -4.30 4.73
CA CYS A 44 -2.23 -3.29 5.01
C CYS A 44 -3.62 -3.94 4.92
N CYS A 45 -3.90 -4.60 3.84
CA CYS A 45 -5.23 -5.27 3.70
C CYS A 45 -5.42 -6.30 4.81
N ARG A 46 -4.47 -7.19 4.98
CA ARG A 46 -4.60 -8.23 6.04
C ARG A 46 -4.53 -7.60 7.43
N SER A 47 -3.72 -6.58 7.60
CA SER A 47 -3.59 -5.92 8.94
C SER A 47 -3.63 -4.40 8.78
N ILE A 48 -4.17 -3.69 9.74
CA ILE A 48 -4.23 -2.22 9.62
C ILE A 48 -2.81 -1.64 9.72
N CYS A 49 -2.22 -1.32 8.61
CA CYS A 49 -0.84 -0.75 8.62
C CYS A 49 -0.94 0.77 8.81
N SER A 50 -0.07 1.33 9.62
CA SER A 50 -0.12 2.80 9.86
C SER A 50 0.32 3.54 8.60
N LEU A 51 -0.09 4.77 8.47
CA LEU A 51 0.31 5.57 7.27
C LEU A 51 1.83 5.49 7.08
N TYR A 52 2.54 5.40 8.16
CA TYR A 52 4.03 5.31 8.06
C TYR A 52 4.41 4.22 7.05
N GLN A 53 3.90 3.04 7.23
CA GLN A 53 4.22 1.93 6.27
C GLN A 53 3.77 2.35 4.88
N LEU A 54 2.57 2.82 4.73
CA LEU A 54 2.10 3.25 3.39
C LEU A 54 3.07 4.32 2.88
N GLU A 55 3.57 5.10 3.78
CA GLU A 55 4.54 6.17 3.40
C GLU A 55 5.87 5.50 3.03
N ASN A 56 6.00 4.24 3.27
CA ASN A 56 7.28 3.53 2.97
C ASN A 56 7.38 3.20 1.47
N TYR A 57 6.27 3.13 0.79
CA TYR A 57 6.31 2.78 -0.67
C TYR A 57 6.16 4.06 -1.52
N CYS A 58 5.89 5.16 -0.89
CA CYS A 58 5.73 6.43 -1.65
C CYS A 58 7.04 6.76 -2.38
N GLY A 59 7.13 6.38 -3.62
CA GLY A 59 8.37 6.66 -4.39
C GLY A 59 9.44 5.64 -4.03
#